data_1MV2
# 
_entry.id   1MV2 
# 
_audit_conform.dict_name       mmcif_pdbx.dic 
_audit_conform.dict_version    5.392 
_audit_conform.dict_location   http://mmcif.pdb.org/dictionaries/ascii/mmcif_pdbx.dic 
# 
loop_
_database_2.database_id 
_database_2.database_code 
_database_2.pdbx_database_accession 
_database_2.pdbx_DOI 
PDB   1MV2         pdb_00001mv2 10.2210/pdb1mv2/pdb 
RCSB  RCSB017206   ?            ?                   
WWPDB D_1000017206 ?            ?                   
# 
loop_
_pdbx_audit_revision_history.ordinal 
_pdbx_audit_revision_history.data_content_type 
_pdbx_audit_revision_history.major_revision 
_pdbx_audit_revision_history.minor_revision 
_pdbx_audit_revision_history.revision_date 
1 'Structure model' 1 0 2002-12-18 
2 'Structure model' 1 1 2008-04-28 
3 'Structure model' 1 2 2011-07-13 
4 'Structure model' 1 3 2022-02-23 
5 'Structure model' 1 4 2024-05-22 
# 
_pdbx_audit_revision_details.ordinal             1 
_pdbx_audit_revision_details.revision_ordinal    1 
_pdbx_audit_revision_details.data_content_type   'Structure model' 
_pdbx_audit_revision_details.provider            repository 
_pdbx_audit_revision_details.type                'Initial release' 
_pdbx_audit_revision_details.description         ? 
_pdbx_audit_revision_details.details             ? 
# 
loop_
_pdbx_audit_revision_group.ordinal 
_pdbx_audit_revision_group.revision_ordinal 
_pdbx_audit_revision_group.data_content_type 
_pdbx_audit_revision_group.group 
1 2 'Structure model' 'Version format compliance' 
2 3 'Structure model' 'Version format compliance' 
3 4 'Structure model' 'Data collection'           
4 4 'Structure model' 'Database references'       
5 4 'Structure model' 'Derived calculations'      
6 5 'Structure model' 'Data collection'           
# 
loop_
_pdbx_audit_revision_category.ordinal 
_pdbx_audit_revision_category.revision_ordinal 
_pdbx_audit_revision_category.data_content_type 
_pdbx_audit_revision_category.category 
1 4 'Structure model' database_2            
2 4 'Structure model' pdbx_nmr_software     
3 4 'Structure model' pdbx_struct_assembly  
4 4 'Structure model' pdbx_struct_oper_list 
5 4 'Structure model' struct_conn           
6 5 'Structure model' chem_comp_atom        
7 5 'Structure model' chem_comp_bond        
# 
loop_
_pdbx_audit_revision_item.ordinal 
_pdbx_audit_revision_item.revision_ordinal 
_pdbx_audit_revision_item.data_content_type 
_pdbx_audit_revision_item.item 
1 4 'Structure model' '_database_2.pdbx_DOI'                
2 4 'Structure model' '_database_2.pdbx_database_accession' 
3 4 'Structure model' '_pdbx_nmr_software.name'             
4 4 'Structure model' '_struct_conn.pdbx_leaving_atom_flag' 
# 
_pdbx_database_status.status_code                     REL 
_pdbx_database_status.entry_id                        1MV2 
_pdbx_database_status.recvd_initial_deposition_date   2002-09-24 
_pdbx_database_status.deposit_site                    RCSB 
_pdbx_database_status.process_site                    RCSB 
_pdbx_database_status.status_code_mr                  REL 
_pdbx_database_status.SG_entry                        . 
_pdbx_database_status.pdb_format_compatible           Y 
_pdbx_database_status.status_code_sf                  ? 
_pdbx_database_status.status_code_cs                  ? 
_pdbx_database_status.status_code_nmr_data            ? 
_pdbx_database_status.methods_development_category    ? 
# 
loop_
_pdbx_database_related.db_name 
_pdbx_database_related.db_id 
_pdbx_database_related.details 
_pdbx_database_related.content_type 
PDB 1YFV '1YFV IS Tandem, sheared GA pairs in the same stem, determined by 2D NMR'                                           
unspecified 
PDB 1GID '1GID IS Tandem, sheared AA pairs in the J4/5 loop of Tetrahymena thermophila, determined by x-ray crystallography' 
unspecified 
PDB 1MUV 
;1MUV IS the Tandem, sheared AA pairs, in 5'(rGGCAAGCCU)2
;
unspecified 
PDB 1MV1 
;1mv1 is The tandem, sheared PA Pairs in 5'(rGGCPAGCCU)2
;
unspecified 
PDB 1MV6 
;1mv6 is The tandem, Sheared PP Pairs in 5'(rGGCPPGCCU)2
;
unspecified 
# 
loop_
_audit_author.name 
_audit_author.pdbx_ordinal 
'Znosko, B.M.'  1 
'Burkard, M.E.' 2 
'Krugh, T.R.'   3 
'Turner, D.H.'  4 
# 
loop_
_citation.id 
_citation.title 
_citation.journal_abbrev 
_citation.journal_volume 
_citation.page_first 
_citation.page_last 
_citation.year 
_citation.journal_id_ASTM 
_citation.country 
_citation.journal_id_ISSN 
_citation.journal_id_CSD 
_citation.book_publisher 
_citation.pdbx_database_id_PubMed 
_citation.pdbx_database_id_DOI 
primary 
;Molecular Recognition in Purine-Rich Internal Loops: Thermodynamic, Structural, and Dynamic Consequences of Purine for Adenine Substitutions in 5'(rGGCAAGCCU)2
;
Biochemistry 41 14978 14987 2002 BICHAW US 0006-2960 0033 ? 12475247 10.1021/bi0203278 
1       
;Sheared Aanti-Aanti Base Pairs in a Destabilizing 2x2 Internal Loop: The NMR Structure of 5'(rGGCAAGCCU)2
;
Biochemistry 41 14969 14977 2002 BICHAW US 0006-2960 0033 ? ?        10.1021/bi020326f 
# 
loop_
_citation_author.citation_id 
_citation_author.name 
_citation_author.ordinal 
_citation_author.identifier_ORCID 
primary 'Znosko, B.M.'    1 ? 
primary 'Burkard, M.E.'   2 ? 
primary 'Krugh, T.R.'     3 ? 
primary 'Turner, D.H.'    4 ? 
1       'Znosko, B.M.'    5 ? 
1       'Burkard, M.E.'   6 ? 
1       'Schroeder, S.J.' 7 ? 
1       'Krugh, T.R.'     8 ? 
1       'Turner, D.H.'    9 ? 
# 
_entity.id                         1 
_entity.type                       polymer 
_entity.src_method                 syn 
_entity.pdbx_description           "5'-R(*GP*GP*CP*AP*(P5P)P*GP*CP*CP*U)-3'" 
_entity.formula_weight             2855.769 
_entity.pdbx_number_of_molecules   2 
_entity.pdbx_ec                    ? 
_entity.pdbx_mutation              ? 
_entity.pdbx_fragment              ? 
_entity.details                    ? 
# 
_entity_poly.entity_id                      1 
_entity_poly.type                           polyribonucleotide 
_entity_poly.nstd_linkage                   no 
_entity_poly.nstd_monomer                   yes 
_entity_poly.pdbx_seq_one_letter_code       'GGCA(P5P)GCCU' 
_entity_poly.pdbx_seq_one_letter_code_can   GGCAAGCCU 
_entity_poly.pdbx_strand_id                 A,B 
_entity_poly.pdbx_target_identifier         ? 
# 
loop_
_entity_poly_seq.entity_id 
_entity_poly_seq.num 
_entity_poly_seq.mon_id 
_entity_poly_seq.hetero 
1 1 G   n 
1 2 G   n 
1 3 C   n 
1 4 A   n 
1 5 P5P n 
1 6 G   n 
1 7 C   n 
1 8 C   n 
1 9 U   n 
# 
loop_
_chem_comp.id 
_chem_comp.type 
_chem_comp.mon_nstd_flag 
_chem_comp.name 
_chem_comp.pdbx_synonyms 
_chem_comp.formula 
_chem_comp.formula_weight 
A   'RNA linking' y "ADENOSINE-5'-MONOPHOSPHATE"       ? 'C10 H14 N5 O7 P' 347.221 
C   'RNA linking' y "CYTIDINE-5'-MONOPHOSPHATE"        ? 'C9 H14 N3 O8 P'  323.197 
G   'RNA linking' y "GUANOSINE-5'-MONOPHOSPHATE"       ? 'C10 H14 N5 O8 P' 363.221 
P5P 'RNA linking' n 
;PURINE RIBOSIDE-5'-MONOPHOSPHATE
;
? 'C10 H13 N4 O7 P' 332.207 
U   'RNA linking' y "URIDINE-5'-MONOPHOSPHATE"         ? 'C9 H13 N2 O9 P'  324.181 
# 
loop_
_pdbx_poly_seq_scheme.asym_id 
_pdbx_poly_seq_scheme.entity_id 
_pdbx_poly_seq_scheme.seq_id 
_pdbx_poly_seq_scheme.mon_id 
_pdbx_poly_seq_scheme.ndb_seq_num 
_pdbx_poly_seq_scheme.pdb_seq_num 
_pdbx_poly_seq_scheme.auth_seq_num 
_pdbx_poly_seq_scheme.pdb_mon_id 
_pdbx_poly_seq_scheme.auth_mon_id 
_pdbx_poly_seq_scheme.pdb_strand_id 
_pdbx_poly_seq_scheme.pdb_ins_code 
_pdbx_poly_seq_scheme.hetero 
A 1 1 G   1 1 1 G   G A . n 
A 1 2 G   2 2 2 G   G A . n 
A 1 3 C   3 3 3 C   C A . n 
A 1 4 A   4 4 4 A   A A . n 
A 1 5 P5P 5 5 5 P5P P A . n 
A 1 6 G   6 6 6 G   G A . n 
A 1 7 C   7 7 7 C   C A . n 
A 1 8 C   8 8 8 C   C A . n 
A 1 9 U   9 9 9 U   U A . n 
B 1 1 G   1 1 1 G   G B . n 
B 1 2 G   2 2 2 G   G B . n 
B 1 3 C   3 3 3 C   C B . n 
B 1 4 A   4 4 4 A   A B . n 
B 1 5 P5P 5 5 5 P5P P B . n 
B 1 6 G   6 6 6 G   G B . n 
B 1 7 C   7 7 7 C   C B . n 
B 1 8 C   8 8 8 C   C B . n 
B 1 9 U   9 9 9 U   U B . n 
# 
_exptl.entry_id          1MV2 
_exptl.method            'SOLUTION NMR' 
_exptl.crystals_number   ? 
# 
_exptl_crystal.id                    1 
_exptl_crystal.density_meas          ? 
_exptl_crystal.density_Matthews      ? 
_exptl_crystal.density_percent_sol   ? 
_exptl_crystal.description           ? 
# 
_diffrn.id                     1 
_diffrn.crystal_id             1 
_diffrn.ambient_temp           ? 
_diffrn.ambient_temp_details   ? 
# 
_diffrn_radiation.diffrn_id                        1 
_diffrn_radiation.wavelength_id                    1 
_diffrn_radiation.pdbx_monochromatic_or_laue_m_l   M 
_diffrn_radiation.monochromator                    ? 
_diffrn_radiation.pdbx_diffrn_protocol             'SINGLE WAVELENGTH' 
_diffrn_radiation.pdbx_scattering_type             ? 
# 
_diffrn_radiation_wavelength.id           1 
_diffrn_radiation_wavelength.wavelength   . 
_diffrn_radiation_wavelength.wt           1.0 
# 
_struct.entry_id                  1MV2 
_struct.title                     
;The tandem, Face-to-Face AP Pairs in 5'(rGGCAPGCCU)2
;
_struct.pdbx_model_details        ? 
_struct.pdbx_CASP_flag            ? 
_struct.pdbx_model_type_details   ? 
# 
_struct_keywords.entry_id        1MV2 
_struct_keywords.pdbx_keywords   RNA 
_struct_keywords.text            'ribonucleic acid, duplex, tandem mismatch, purine, RNA' 
# 
loop_
_struct_asym.id 
_struct_asym.pdbx_blank_PDB_chainid_flag 
_struct_asym.pdbx_modified 
_struct_asym.entity_id 
_struct_asym.details 
A N N 1 ? 
B N N 1 ? 
# 
_struct_ref.id                         1 
_struct_ref.entity_id                  1 
_struct_ref.db_name                    PDB 
_struct_ref.db_code                    1MV2 
_struct_ref.pdbx_db_accession          1MV2 
_struct_ref.pdbx_db_isoform            ? 
_struct_ref.pdbx_seq_one_letter_code   ? 
_struct_ref.pdbx_align_begin           ? 
# 
loop_
_struct_ref_seq.align_id 
_struct_ref_seq.ref_id 
_struct_ref_seq.pdbx_PDB_id_code 
_struct_ref_seq.pdbx_strand_id 
_struct_ref_seq.seq_align_beg 
_struct_ref_seq.pdbx_seq_align_beg_ins_code 
_struct_ref_seq.seq_align_end 
_struct_ref_seq.pdbx_seq_align_end_ins_code 
_struct_ref_seq.pdbx_db_accession 
_struct_ref_seq.db_align_beg 
_struct_ref_seq.pdbx_db_align_beg_ins_code 
_struct_ref_seq.db_align_end 
_struct_ref_seq.pdbx_db_align_end_ins_code 
_struct_ref_seq.pdbx_auth_seq_align_beg 
_struct_ref_seq.pdbx_auth_seq_align_end 
1 1 1MV2 A 1 ? 9 ? 1MV2 1 ? 9 ? 1 9 
2 1 1MV2 B 1 ? 9 ? 1MV2 1 ? 9 ? 1 9 
# 
_pdbx_struct_assembly.id                   1 
_pdbx_struct_assembly.details              author_defined_assembly 
_pdbx_struct_assembly.method_details       ? 
_pdbx_struct_assembly.oligomeric_details   dimeric 
_pdbx_struct_assembly.oligomeric_count     2 
# 
_pdbx_struct_assembly_gen.assembly_id       1 
_pdbx_struct_assembly_gen.oper_expression   1 
_pdbx_struct_assembly_gen.asym_id_list      A,B 
# 
_pdbx_struct_oper_list.id                   1 
_pdbx_struct_oper_list.type                 'identity operation' 
_pdbx_struct_oper_list.name                 1_555 
_pdbx_struct_oper_list.symmetry_operation   x,y,z 
_pdbx_struct_oper_list.matrix[1][1]         1.0000000000 
_pdbx_struct_oper_list.matrix[1][2]         0.0000000000 
_pdbx_struct_oper_list.matrix[1][3]         0.0000000000 
_pdbx_struct_oper_list.vector[1]            0.0000000000 
_pdbx_struct_oper_list.matrix[2][1]         0.0000000000 
_pdbx_struct_oper_list.matrix[2][2]         1.0000000000 
_pdbx_struct_oper_list.matrix[2][3]         0.0000000000 
_pdbx_struct_oper_list.vector[2]            0.0000000000 
_pdbx_struct_oper_list.matrix[3][1]         0.0000000000 
_pdbx_struct_oper_list.matrix[3][2]         0.0000000000 
_pdbx_struct_oper_list.matrix[3][3]         1.0000000000 
_pdbx_struct_oper_list.vector[3]            0.0000000000 
# 
_struct_biol.id   1 
# 
loop_
_struct_conn.id 
_struct_conn.conn_type_id 
_struct_conn.pdbx_leaving_atom_flag 
_struct_conn.pdbx_PDB_id 
_struct_conn.ptnr1_label_asym_id 
_struct_conn.ptnr1_label_comp_id 
_struct_conn.ptnr1_label_seq_id 
_struct_conn.ptnr1_label_atom_id 
_struct_conn.pdbx_ptnr1_label_alt_id 
_struct_conn.pdbx_ptnr1_PDB_ins_code 
_struct_conn.pdbx_ptnr1_standard_comp_id 
_struct_conn.ptnr1_symmetry 
_struct_conn.ptnr2_label_asym_id 
_struct_conn.ptnr2_label_comp_id 
_struct_conn.ptnr2_label_seq_id 
_struct_conn.ptnr2_label_atom_id 
_struct_conn.pdbx_ptnr2_label_alt_id 
_struct_conn.pdbx_ptnr2_PDB_ins_code 
_struct_conn.ptnr1_auth_asym_id 
_struct_conn.ptnr1_auth_comp_id 
_struct_conn.ptnr1_auth_seq_id 
_struct_conn.ptnr2_auth_asym_id 
_struct_conn.ptnr2_auth_comp_id 
_struct_conn.ptnr2_auth_seq_id 
_struct_conn.ptnr2_symmetry 
_struct_conn.pdbx_ptnr3_label_atom_id 
_struct_conn.pdbx_ptnr3_label_seq_id 
_struct_conn.pdbx_ptnr3_label_comp_id 
_struct_conn.pdbx_ptnr3_label_asym_id 
_struct_conn.pdbx_ptnr3_label_alt_id 
_struct_conn.pdbx_ptnr3_PDB_ins_code 
_struct_conn.details 
_struct_conn.pdbx_dist_value 
_struct_conn.pdbx_value_order 
_struct_conn.pdbx_role 
covale1  covale both ? A A   4 "O3'" ? ? ? 1_555 A P5P 5 P  ? ? A A   4 A P5P 5 1_555 ? ? ? ? ? ? ?            1.617 ? ? 
covale2  covale both ? A P5P 5 "O3'" ? ? ? 1_555 A G   6 P  ? ? A P5P 5 A G   6 1_555 ? ? ? ? ? ? ?            1.618 ? ? 
covale3  covale both ? B A   4 "O3'" ? ? ? 1_555 B P5P 5 P  ? ? B A   4 B P5P 5 1_555 ? ? ? ? ? ? ?            1.616 ? ? 
covale4  covale both ? B P5P 5 "O3'" ? ? ? 1_555 B G   6 P  ? ? B P5P 5 B G   6 1_555 ? ? ? ? ? ? ?            1.619 ? ? 
hydrog1  hydrog ?    ? A G   1 N1    ? ? ? 1_555 B C   8 N3 ? ? A G   1 B C   8 1_555 ? ? ? ? ? ? WATSON-CRICK ?     ? ? 
hydrog2  hydrog ?    ? A G   1 N2    ? ? ? 1_555 B C   8 O2 ? ? A G   1 B C   8 1_555 ? ? ? ? ? ? WATSON-CRICK ?     ? ? 
hydrog3  hydrog ?    ? A G   1 O6    ? ? ? 1_555 B C   8 N4 ? ? A G   1 B C   8 1_555 ? ? ? ? ? ? WATSON-CRICK ?     ? ? 
hydrog4  hydrog ?    ? A G   2 N1    ? ? ? 1_555 B C   7 N3 ? ? A G   2 B C   7 1_555 ? ? ? ? ? ? WATSON-CRICK ?     ? ? 
hydrog5  hydrog ?    ? A G   2 N2    ? ? ? 1_555 B C   7 O2 ? ? A G   2 B C   7 1_555 ? ? ? ? ? ? WATSON-CRICK ?     ? ? 
hydrog6  hydrog ?    ? A G   2 O6    ? ? ? 1_555 B C   7 N4 ? ? A G   2 B C   7 1_555 ? ? ? ? ? ? WATSON-CRICK ?     ? ? 
hydrog7  hydrog ?    ? A C   3 N3    ? ? ? 1_555 B G   6 N1 ? ? A C   3 B G   6 1_555 ? ? ? ? ? ? WATSON-CRICK ?     ? ? 
hydrog8  hydrog ?    ? A C   3 N4    ? ? ? 1_555 B G   6 O6 ? ? A C   3 B G   6 1_555 ? ? ? ? ? ? WATSON-CRICK ?     ? ? 
hydrog9  hydrog ?    ? A C   3 O2    ? ? ? 1_555 B G   6 N2 ? ? A C   3 B G   6 1_555 ? ? ? ? ? ? WATSON-CRICK ?     ? ? 
hydrog10 hydrog ?    ? A G   6 N1    ? ? ? 1_555 B C   3 N3 ? ? A G   6 B C   3 1_555 ? ? ? ? ? ? WATSON-CRICK ?     ? ? 
hydrog11 hydrog ?    ? A G   6 N2    ? ? ? 1_555 B C   3 O2 ? ? A G   6 B C   3 1_555 ? ? ? ? ? ? WATSON-CRICK ?     ? ? 
hydrog12 hydrog ?    ? A G   6 O6    ? ? ? 1_555 B C   3 N4 ? ? A G   6 B C   3 1_555 ? ? ? ? ? ? WATSON-CRICK ?     ? ? 
hydrog13 hydrog ?    ? A C   7 N3    ? ? ? 1_555 B G   2 N1 ? ? A C   7 B G   2 1_555 ? ? ? ? ? ? WATSON-CRICK ?     ? ? 
hydrog14 hydrog ?    ? A C   7 N4    ? ? ? 1_555 B G   2 O6 ? ? A C   7 B G   2 1_555 ? ? ? ? ? ? WATSON-CRICK ?     ? ? 
hydrog15 hydrog ?    ? A C   7 O2    ? ? ? 1_555 B G   2 N2 ? ? A C   7 B G   2 1_555 ? ? ? ? ? ? WATSON-CRICK ?     ? ? 
hydrog16 hydrog ?    ? A C   8 N3    ? ? ? 1_555 B G   1 N1 ? ? A C   8 B G   1 1_555 ? ? ? ? ? ? WATSON-CRICK ?     ? ? 
hydrog17 hydrog ?    ? A C   8 N4    ? ? ? 1_555 B G   1 O6 ? ? A C   8 B G   1 1_555 ? ? ? ? ? ? WATSON-CRICK ?     ? ? 
hydrog18 hydrog ?    ? A C   8 O2    ? ? ? 1_555 B G   1 N2 ? ? A C   8 B G   1 1_555 ? ? ? ? ? ? WATSON-CRICK ?     ? ? 
# 
loop_
_struct_conn_type.id 
_struct_conn_type.criteria 
_struct_conn_type.reference 
covale ? ? 
hydrog ? ? 
# 
loop_
_pdbx_validate_rmsd_angle.id 
_pdbx_validate_rmsd_angle.PDB_model_num 
_pdbx_validate_rmsd_angle.auth_atom_id_1 
_pdbx_validate_rmsd_angle.auth_asym_id_1 
_pdbx_validate_rmsd_angle.auth_comp_id_1 
_pdbx_validate_rmsd_angle.auth_seq_id_1 
_pdbx_validate_rmsd_angle.PDB_ins_code_1 
_pdbx_validate_rmsd_angle.label_alt_id_1 
_pdbx_validate_rmsd_angle.auth_atom_id_2 
_pdbx_validate_rmsd_angle.auth_asym_id_2 
_pdbx_validate_rmsd_angle.auth_comp_id_2 
_pdbx_validate_rmsd_angle.auth_seq_id_2 
_pdbx_validate_rmsd_angle.PDB_ins_code_2 
_pdbx_validate_rmsd_angle.label_alt_id_2 
_pdbx_validate_rmsd_angle.auth_atom_id_3 
_pdbx_validate_rmsd_angle.auth_asym_id_3 
_pdbx_validate_rmsd_angle.auth_comp_id_3 
_pdbx_validate_rmsd_angle.auth_seq_id_3 
_pdbx_validate_rmsd_angle.PDB_ins_code_3 
_pdbx_validate_rmsd_angle.label_alt_id_3 
_pdbx_validate_rmsd_angle.angle_value 
_pdbx_validate_rmsd_angle.angle_target_value 
_pdbx_validate_rmsd_angle.angle_deviation 
_pdbx_validate_rmsd_angle.angle_standard_deviation 
_pdbx_validate_rmsd_angle.linker_flag 
1 1 "O4'" A A 4 ? ? "C1'" A A 4 ? ? N9 A A 4 ? ? 112.89 108.50 4.39 0.70 N 
2 1 "O4'" A C 7 ? ? "C1'" A C 7 ? ? N1 A C 7 ? ? 112.72 108.50 4.22 0.70 N 
3 1 "O4'" A C 8 ? ? "C1'" A C 8 ? ? N1 A C 8 ? ? 113.22 108.50 4.72 0.70 N 
4 1 "O4'" B C 7 ? ? "C1'" B C 7 ? ? N1 B C 7 ? ? 112.97 108.50 4.47 0.70 N 
5 1 "O4'" B C 8 ? ? "C1'" B C 8 ? ? N1 B C 8 ? ? 113.17 108.50 4.67 0.70 N 
# 
loop_
_pdbx_validate_planes.id 
_pdbx_validate_planes.PDB_model_num 
_pdbx_validate_planes.auth_comp_id 
_pdbx_validate_planes.auth_asym_id 
_pdbx_validate_planes.auth_seq_id 
_pdbx_validate_planes.PDB_ins_code 
_pdbx_validate_planes.label_alt_id 
_pdbx_validate_planes.rmsd 
_pdbx_validate_planes.type 
1 1 G A 6 ? ? 0.062 'SIDE CHAIN' 
2 1 G B 6 ? ? 0.068 'SIDE CHAIN' 
# 
loop_
_pdbx_struct_mod_residue.id 
_pdbx_struct_mod_residue.label_asym_id 
_pdbx_struct_mod_residue.label_comp_id 
_pdbx_struct_mod_residue.label_seq_id 
_pdbx_struct_mod_residue.auth_asym_id 
_pdbx_struct_mod_residue.auth_comp_id 
_pdbx_struct_mod_residue.auth_seq_id 
_pdbx_struct_mod_residue.PDB_ins_code 
_pdbx_struct_mod_residue.parent_comp_id 
_pdbx_struct_mod_residue.details 
1 A P5P 5 A P5P 5 ? A 
;PURINE RIBOSIDE-5'-MONOPHOSPHATE
;
2 B P5P 5 B P5P 5 ? A 
;PURINE RIBOSIDE-5'-MONOPHOSPHATE
;
# 
_pdbx_nmr_ensemble.entry_id                                      1MV2 
_pdbx_nmr_ensemble.conformers_calculated_total_number            ? 
_pdbx_nmr_ensemble.conformers_submitted_total_number             1 
_pdbx_nmr_ensemble.conformer_selection_criteria                  ? 
_pdbx_nmr_ensemble.average_constraints_per_residue               ? 
_pdbx_nmr_ensemble.average_constraint_violations_per_residue     ? 
_pdbx_nmr_ensemble.maximum_distance_constraint_violation         ? 
_pdbx_nmr_ensemble.average_distance_constraint_violation         ? 
_pdbx_nmr_ensemble.maximum_upper_distance_constraint_violation   ? 
_pdbx_nmr_ensemble.maximum_lower_distance_constraint_violation   ? 
_pdbx_nmr_ensemble.distance_constraint_violation_method          ? 
_pdbx_nmr_ensemble.maximum_torsion_angle_constraint_violation    ? 
_pdbx_nmr_ensemble.average_torsion_angle_constraint_violation    ? 
_pdbx_nmr_ensemble.torsion_angle_constraint_violation_method     ? 
# 
_pdbx_nmr_representative.entry_id             1MV2 
_pdbx_nmr_representative.conformer_id         1 
_pdbx_nmr_representative.selection_criteria   'closest to the average' 
# 
loop_
_pdbx_nmr_sample_details.solution_id 
_pdbx_nmr_sample_details.contents 
_pdbx_nmr_sample_details.solvent_system 
1 '1mM RNA, 80 mM NaCl, 10mM phosphate buffer, 0.5mM EDTA; 90% H2O, 10% D2O' '90% H2O/10% D2O' 
2 '2mM RNA, 80 mM NaCl, 10mM phosphate buffer, 0.5mM EDTA; 99.996% D2O'      '99.996% D2O'     
# 
loop_
_pdbx_nmr_exptl_sample_conditions.conditions_id 
_pdbx_nmr_exptl_sample_conditions.temperature 
_pdbx_nmr_exptl_sample_conditions.pressure 
_pdbx_nmr_exptl_sample_conditions.pH 
_pdbx_nmr_exptl_sample_conditions.ionic_strength 
_pdbx_nmr_exptl_sample_conditions.pressure_units 
_pdbx_nmr_exptl_sample_conditions.temperature_units 
1 273 ambient 6.5 '90% H2O, 10% D2O' ? K 
2 303 ambient 7.7 '99.996% D2O'      ? K 
# 
_pdbx_nmr_exptl.experiment_id   1 
_pdbx_nmr_exptl.solution_id     2 
_pdbx_nmr_exptl.conditions_id   2 
_pdbx_nmr_exptl.type            '2D NOESY' 
# 
_pdbx_nmr_refine.entry_id           1MV2 
_pdbx_nmr_refine.method             'simulated annealing, energy minimization' 
_pdbx_nmr_refine.details            
;The structure is based on a total of 71 interproton distance restraints per strand, 18 hydrogen bond restraints, and 59 dihedral angle restraints per strand.
;
_pdbx_nmr_refine.software_ordinal   1 
# 
loop_
_pdbx_nmr_software.name 
_pdbx_nmr_software.version 
_pdbx_nmr_software.classification 
_pdbx_nmr_software.authors 
_pdbx_nmr_software.ordinal 
VNMR     5.2  collection           Varian 1 
Felix    2000 'data analysis'      MSI    2 
Discover 95.0 'structure solution' MSI    3 
Discover 95.0 refinement           MSI    4 
# 
loop_
_chem_comp_atom.comp_id 
_chem_comp_atom.atom_id 
_chem_comp_atom.type_symbol 
_chem_comp_atom.pdbx_aromatic_flag 
_chem_comp_atom.pdbx_stereo_config 
_chem_comp_atom.pdbx_ordinal 
A   OP3    O N N 1   
A   P      P N N 2   
A   OP1    O N N 3   
A   OP2    O N N 4   
A   "O5'"  O N N 5   
A   "C5'"  C N N 6   
A   "C4'"  C N R 7   
A   "O4'"  O N N 8   
A   "C3'"  C N S 9   
A   "O3'"  O N N 10  
A   "C2'"  C N R 11  
A   "O2'"  O N N 12  
A   "C1'"  C N R 13  
A   N9     N Y N 14  
A   C8     C Y N 15  
A   N7     N Y N 16  
A   C5     C Y N 17  
A   C6     C Y N 18  
A   N6     N N N 19  
A   N1     N Y N 20  
A   C2     C Y N 21  
A   N3     N Y N 22  
A   C4     C Y N 23  
A   HOP3   H N N 24  
A   HOP2   H N N 25  
A   "H5'"  H N N 26  
A   "H5''" H N N 27  
A   "H4'"  H N N 28  
A   "H3'"  H N N 29  
A   "HO3'" H N N 30  
A   "H2'"  H N N 31  
A   "HO2'" H N N 32  
A   "H1'"  H N N 33  
A   H8     H N N 34  
A   H61    H N N 35  
A   H62    H N N 36  
A   H2     H N N 37  
C   OP3    O N N 38  
C   P      P N N 39  
C   OP1    O N N 40  
C   OP2    O N N 41  
C   "O5'"  O N N 42  
C   "C5'"  C N N 43  
C   "C4'"  C N R 44  
C   "O4'"  O N N 45  
C   "C3'"  C N S 46  
C   "O3'"  O N N 47  
C   "C2'"  C N R 48  
C   "O2'"  O N N 49  
C   "C1'"  C N R 50  
C   N1     N N N 51  
C   C2     C N N 52  
C   O2     O N N 53  
C   N3     N N N 54  
C   C4     C N N 55  
C   N4     N N N 56  
C   C5     C N N 57  
C   C6     C N N 58  
C   HOP3   H N N 59  
C   HOP2   H N N 60  
C   "H5'"  H N N 61  
C   "H5''" H N N 62  
C   "H4'"  H N N 63  
C   "H3'"  H N N 64  
C   "HO3'" H N N 65  
C   "H2'"  H N N 66  
C   "HO2'" H N N 67  
C   "H1'"  H N N 68  
C   H41    H N N 69  
C   H42    H N N 70  
C   H5     H N N 71  
C   H6     H N N 72  
G   OP3    O N N 73  
G   P      P N N 74  
G   OP1    O N N 75  
G   OP2    O N N 76  
G   "O5'"  O N N 77  
G   "C5'"  C N N 78  
G   "C4'"  C N R 79  
G   "O4'"  O N N 80  
G   "C3'"  C N S 81  
G   "O3'"  O N N 82  
G   "C2'"  C N R 83  
G   "O2'"  O N N 84  
G   "C1'"  C N R 85  
G   N9     N Y N 86  
G   C8     C Y N 87  
G   N7     N Y N 88  
G   C5     C Y N 89  
G   C6     C N N 90  
G   O6     O N N 91  
G   N1     N N N 92  
G   C2     C N N 93  
G   N2     N N N 94  
G   N3     N N N 95  
G   C4     C Y N 96  
G   HOP3   H N N 97  
G   HOP2   H N N 98  
G   "H5'"  H N N 99  
G   "H5''" H N N 100 
G   "H4'"  H N N 101 
G   "H3'"  H N N 102 
G   "HO3'" H N N 103 
G   "H2'"  H N N 104 
G   "HO2'" H N N 105 
G   "H1'"  H N N 106 
G   H8     H N N 107 
G   H1     H N N 108 
G   H21    H N N 109 
G   H22    H N N 110 
P5P N1     N Y N 111 
P5P C2     C Y N 112 
P5P N3     N Y N 113 
P5P C4     C Y N 114 
P5P C5     C Y N 115 
P5P C6     C Y N 116 
P5P N7     N Y N 117 
P5P C8     C Y N 118 
P5P N9     N Y N 119 
P5P "C1'"  C N R 120 
P5P "C2'"  C N R 121 
P5P "O2'"  O N N 122 
P5P "C3'"  C N S 123 
P5P "O3'"  O N N 124 
P5P "C4'"  C N R 125 
P5P "O4'"  O N N 126 
P5P "C5'"  C N N 127 
P5P "O5'"  O N N 128 
P5P P      P N N 129 
P5P OP1    O N N 130 
P5P OP2    O N N 131 
P5P OP3    O N N 132 
P5P H2     H N N 133 
P5P H6     H N N 134 
P5P H8     H N N 135 
P5P "H1'"  H N N 136 
P5P "H2'"  H N N 137 
P5P "HO2'" H N N 138 
P5P "H3'"  H N N 139 
P5P "HO3'" H N N 140 
P5P "H4'"  H N N 141 
P5P "H5'1" H N N 142 
P5P "H5'2" H N N 143 
P5P HOP2   H N N 144 
P5P HOP3   H N N 145 
U   OP3    O N N 146 
U   P      P N N 147 
U   OP1    O N N 148 
U   OP2    O N N 149 
U   "O5'"  O N N 150 
U   "C5'"  C N N 151 
U   "C4'"  C N R 152 
U   "O4'"  O N N 153 
U   "C3'"  C N S 154 
U   "O3'"  O N N 155 
U   "C2'"  C N R 156 
U   "O2'"  O N N 157 
U   "C1'"  C N R 158 
U   N1     N N N 159 
U   C2     C N N 160 
U   O2     O N N 161 
U   N3     N N N 162 
U   C4     C N N 163 
U   O4     O N N 164 
U   C5     C N N 165 
U   C6     C N N 166 
U   HOP3   H N N 167 
U   HOP2   H N N 168 
U   "H5'"  H N N 169 
U   "H5''" H N N 170 
U   "H4'"  H N N 171 
U   "H3'"  H N N 172 
U   "HO3'" H N N 173 
U   "H2'"  H N N 174 
U   "HO2'" H N N 175 
U   "H1'"  H N N 176 
U   H3     H N N 177 
U   H5     H N N 178 
U   H6     H N N 179 
# 
loop_
_chem_comp_bond.comp_id 
_chem_comp_bond.atom_id_1 
_chem_comp_bond.atom_id_2 
_chem_comp_bond.value_order 
_chem_comp_bond.pdbx_aromatic_flag 
_chem_comp_bond.pdbx_stereo_config 
_chem_comp_bond.pdbx_ordinal 
A   OP3   P      sing N N 1   
A   OP3   HOP3   sing N N 2   
A   P     OP1    doub N N 3   
A   P     OP2    sing N N 4   
A   P     "O5'"  sing N N 5   
A   OP2   HOP2   sing N N 6   
A   "O5'" "C5'"  sing N N 7   
A   "C5'" "C4'"  sing N N 8   
A   "C5'" "H5'"  sing N N 9   
A   "C5'" "H5''" sing N N 10  
A   "C4'" "O4'"  sing N N 11  
A   "C4'" "C3'"  sing N N 12  
A   "C4'" "H4'"  sing N N 13  
A   "O4'" "C1'"  sing N N 14  
A   "C3'" "O3'"  sing N N 15  
A   "C3'" "C2'"  sing N N 16  
A   "C3'" "H3'"  sing N N 17  
A   "O3'" "HO3'" sing N N 18  
A   "C2'" "O2'"  sing N N 19  
A   "C2'" "C1'"  sing N N 20  
A   "C2'" "H2'"  sing N N 21  
A   "O2'" "HO2'" sing N N 22  
A   "C1'" N9     sing N N 23  
A   "C1'" "H1'"  sing N N 24  
A   N9    C8     sing Y N 25  
A   N9    C4     sing Y N 26  
A   C8    N7     doub Y N 27  
A   C8    H8     sing N N 28  
A   N7    C5     sing Y N 29  
A   C5    C6     sing Y N 30  
A   C5    C4     doub Y N 31  
A   C6    N6     sing N N 32  
A   C6    N1     doub Y N 33  
A   N6    H61    sing N N 34  
A   N6    H62    sing N N 35  
A   N1    C2     sing Y N 36  
A   C2    N3     doub Y N 37  
A   C2    H2     sing N N 38  
A   N3    C4     sing Y N 39  
C   OP3   P      sing N N 40  
C   OP3   HOP3   sing N N 41  
C   P     OP1    doub N N 42  
C   P     OP2    sing N N 43  
C   P     "O5'"  sing N N 44  
C   OP2   HOP2   sing N N 45  
C   "O5'" "C5'"  sing N N 46  
C   "C5'" "C4'"  sing N N 47  
C   "C5'" "H5'"  sing N N 48  
C   "C5'" "H5''" sing N N 49  
C   "C4'" "O4'"  sing N N 50  
C   "C4'" "C3'"  sing N N 51  
C   "C4'" "H4'"  sing N N 52  
C   "O4'" "C1'"  sing N N 53  
C   "C3'" "O3'"  sing N N 54  
C   "C3'" "C2'"  sing N N 55  
C   "C3'" "H3'"  sing N N 56  
C   "O3'" "HO3'" sing N N 57  
C   "C2'" "O2'"  sing N N 58  
C   "C2'" "C1'"  sing N N 59  
C   "C2'" "H2'"  sing N N 60  
C   "O2'" "HO2'" sing N N 61  
C   "C1'" N1     sing N N 62  
C   "C1'" "H1'"  sing N N 63  
C   N1    C2     sing N N 64  
C   N1    C6     sing N N 65  
C   C2    O2     doub N N 66  
C   C2    N3     sing N N 67  
C   N3    C4     doub N N 68  
C   C4    N4     sing N N 69  
C   C4    C5     sing N N 70  
C   N4    H41    sing N N 71  
C   N4    H42    sing N N 72  
C   C5    C6     doub N N 73  
C   C5    H5     sing N N 74  
C   C6    H6     sing N N 75  
G   OP3   P      sing N N 76  
G   OP3   HOP3   sing N N 77  
G   P     OP1    doub N N 78  
G   P     OP2    sing N N 79  
G   P     "O5'"  sing N N 80  
G   OP2   HOP2   sing N N 81  
G   "O5'" "C5'"  sing N N 82  
G   "C5'" "C4'"  sing N N 83  
G   "C5'" "H5'"  sing N N 84  
G   "C5'" "H5''" sing N N 85  
G   "C4'" "O4'"  sing N N 86  
G   "C4'" "C3'"  sing N N 87  
G   "C4'" "H4'"  sing N N 88  
G   "O4'" "C1'"  sing N N 89  
G   "C3'" "O3'"  sing N N 90  
G   "C3'" "C2'"  sing N N 91  
G   "C3'" "H3'"  sing N N 92  
G   "O3'" "HO3'" sing N N 93  
G   "C2'" "O2'"  sing N N 94  
G   "C2'" "C1'"  sing N N 95  
G   "C2'" "H2'"  sing N N 96  
G   "O2'" "HO2'" sing N N 97  
G   "C1'" N9     sing N N 98  
G   "C1'" "H1'"  sing N N 99  
G   N9    C8     sing Y N 100 
G   N9    C4     sing Y N 101 
G   C8    N7     doub Y N 102 
G   C8    H8     sing N N 103 
G   N7    C5     sing Y N 104 
G   C5    C6     sing N N 105 
G   C5    C4     doub Y N 106 
G   C6    O6     doub N N 107 
G   C6    N1     sing N N 108 
G   N1    C2     sing N N 109 
G   N1    H1     sing N N 110 
G   C2    N2     sing N N 111 
G   C2    N3     doub N N 112 
G   N2    H21    sing N N 113 
G   N2    H22    sing N N 114 
G   N3    C4     sing N N 115 
P5P N1    C2     sing Y N 116 
P5P N1    C6     doub Y N 117 
P5P C2    N3     doub Y N 118 
P5P C2    H2     sing N N 119 
P5P N3    C4     sing Y N 120 
P5P C4    C5     doub Y N 121 
P5P C4    N9     sing Y N 122 
P5P C5    C6     sing Y N 123 
P5P C5    N7     sing Y N 124 
P5P C6    H6     sing N N 125 
P5P N7    C8     doub Y N 126 
P5P C8    N9     sing Y N 127 
P5P C8    H8     sing N N 128 
P5P N9    "C1'"  sing N N 129 
P5P "C1'" "C2'"  sing N N 130 
P5P "C1'" "O4'"  sing N N 131 
P5P "C1'" "H1'"  sing N N 132 
P5P "C2'" "O2'"  sing N N 133 
P5P "C2'" "C3'"  sing N N 134 
P5P "C2'" "H2'"  sing N N 135 
P5P "O2'" "HO2'" sing N N 136 
P5P "C3'" "O3'"  sing N N 137 
P5P "C3'" "C4'"  sing N N 138 
P5P "C3'" "H3'"  sing N N 139 
P5P "O3'" "HO3'" sing N N 140 
P5P "C4'" "O4'"  sing N N 141 
P5P "C4'" "C5'"  sing N N 142 
P5P "C4'" "H4'"  sing N N 143 
P5P "C5'" "O5'"  sing N N 144 
P5P "C5'" "H5'1" sing N N 145 
P5P "C5'" "H5'2" sing N N 146 
P5P "O5'" P      sing N N 147 
P5P P     OP1    doub N N 148 
P5P P     OP2    sing N N 149 
P5P P     OP3    sing N N 150 
P5P OP2   HOP2   sing N N 151 
P5P OP3   HOP3   sing N N 152 
U   OP3   P      sing N N 153 
U   OP3   HOP3   sing N N 154 
U   P     OP1    doub N N 155 
U   P     OP2    sing N N 156 
U   P     "O5'"  sing N N 157 
U   OP2   HOP2   sing N N 158 
U   "O5'" "C5'"  sing N N 159 
U   "C5'" "C4'"  sing N N 160 
U   "C5'" "H5'"  sing N N 161 
U   "C5'" "H5''" sing N N 162 
U   "C4'" "O4'"  sing N N 163 
U   "C4'" "C3'"  sing N N 164 
U   "C4'" "H4'"  sing N N 165 
U   "O4'" "C1'"  sing N N 166 
U   "C3'" "O3'"  sing N N 167 
U   "C3'" "C2'"  sing N N 168 
U   "C3'" "H3'"  sing N N 169 
U   "O3'" "HO3'" sing N N 170 
U   "C2'" "O2'"  sing N N 171 
U   "C2'" "C1'"  sing N N 172 
U   "C2'" "H2'"  sing N N 173 
U   "O2'" "HO2'" sing N N 174 
U   "C1'" N1     sing N N 175 
U   "C1'" "H1'"  sing N N 176 
U   N1    C2     sing N N 177 
U   N1    C6     sing N N 178 
U   C2    O2     doub N N 179 
U   C2    N3     sing N N 180 
U   N3    C4     sing N N 181 
U   N3    H3     sing N N 182 
U   C4    O4     doub N N 183 
U   C4    C5     sing N N 184 
U   C5    C6     doub N N 185 
U   C5    H5     sing N N 186 
U   C6    H6     sing N N 187 
# 
loop_
_ndb_struct_conf_na.entry_id 
_ndb_struct_conf_na.feature 
1MV2 'a-form double helix' 
1MV2 'internal loop'       
# 
loop_
_ndb_struct_na_base_pair.model_number 
_ndb_struct_na_base_pair.i_label_asym_id 
_ndb_struct_na_base_pair.i_label_comp_id 
_ndb_struct_na_base_pair.i_label_seq_id 
_ndb_struct_na_base_pair.i_symmetry 
_ndb_struct_na_base_pair.j_label_asym_id 
_ndb_struct_na_base_pair.j_label_comp_id 
_ndb_struct_na_base_pair.j_label_seq_id 
_ndb_struct_na_base_pair.j_symmetry 
_ndb_struct_na_base_pair.shear 
_ndb_struct_na_base_pair.stretch 
_ndb_struct_na_base_pair.stagger 
_ndb_struct_na_base_pair.buckle 
_ndb_struct_na_base_pair.propeller 
_ndb_struct_na_base_pair.opening 
_ndb_struct_na_base_pair.pair_number 
_ndb_struct_na_base_pair.pair_name 
_ndb_struct_na_base_pair.i_auth_asym_id 
_ndb_struct_na_base_pair.i_auth_seq_id 
_ndb_struct_na_base_pair.i_PDB_ins_code 
_ndb_struct_na_base_pair.j_auth_asym_id 
_ndb_struct_na_base_pair.j_auth_seq_id 
_ndb_struct_na_base_pair.j_PDB_ins_code 
_ndb_struct_na_base_pair.hbond_type_28 
_ndb_struct_na_base_pair.hbond_type_12 
1 A G 1 1_555 B C 8 1_555 -0.652 -0.192 -0.333 -6.723  -8.508  -0.667 1 A_G1:C8_B A 1 ? B 8 ? 19 1 
1 A G 2 1_555 B C 7 1_555 -0.435 -0.081 -0.151 -13.081 -13.856 0.191  2 A_G2:C7_B A 2 ? B 7 ? 19 1 
1 A C 3 1_555 B G 6 1_555 0.333  -0.051 0.259  -12.957 -8.064  -2.853 3 A_C3:G6_B A 3 ? B 6 ? 19 1 
1 A G 6 1_555 B C 3 1_555 -0.400 -0.075 0.297  9.956   -7.073  -2.591 4 A_G6:C3_B A 6 ? B 3 ? 19 1 
1 A C 7 1_555 B G 2 1_555 0.438  -0.072 -0.103 14.477  -12.610 0.323  5 A_C7:G2_B A 7 ? B 2 ? 19 1 
1 A C 8 1_555 B G 1 1_555 0.636  -0.181 -0.396 10.203  -9.322  -0.560 6 A_C8:G1_B A 8 ? B 1 ? 19 1 
# 
loop_
_ndb_struct_na_base_pair_step.model_number 
_ndb_struct_na_base_pair_step.i_label_asym_id_1 
_ndb_struct_na_base_pair_step.i_label_comp_id_1 
_ndb_struct_na_base_pair_step.i_label_seq_id_1 
_ndb_struct_na_base_pair_step.i_symmetry_1 
_ndb_struct_na_base_pair_step.j_label_asym_id_1 
_ndb_struct_na_base_pair_step.j_label_comp_id_1 
_ndb_struct_na_base_pair_step.j_label_seq_id_1 
_ndb_struct_na_base_pair_step.j_symmetry_1 
_ndb_struct_na_base_pair_step.i_label_asym_id_2 
_ndb_struct_na_base_pair_step.i_label_comp_id_2 
_ndb_struct_na_base_pair_step.i_label_seq_id_2 
_ndb_struct_na_base_pair_step.i_symmetry_2 
_ndb_struct_na_base_pair_step.j_label_asym_id_2 
_ndb_struct_na_base_pair_step.j_label_comp_id_2 
_ndb_struct_na_base_pair_step.j_label_seq_id_2 
_ndb_struct_na_base_pair_step.j_symmetry_2 
_ndb_struct_na_base_pair_step.shift 
_ndb_struct_na_base_pair_step.slide 
_ndb_struct_na_base_pair_step.rise 
_ndb_struct_na_base_pair_step.tilt 
_ndb_struct_na_base_pair_step.roll 
_ndb_struct_na_base_pair_step.twist 
_ndb_struct_na_base_pair_step.x_displacement 
_ndb_struct_na_base_pair_step.y_displacement 
_ndb_struct_na_base_pair_step.helical_rise 
_ndb_struct_na_base_pair_step.inclination 
_ndb_struct_na_base_pair_step.tip 
_ndb_struct_na_base_pair_step.helical_twist 
_ndb_struct_na_base_pair_step.step_number 
_ndb_struct_na_base_pair_step.step_name 
_ndb_struct_na_base_pair_step.i_auth_asym_id_1 
_ndb_struct_na_base_pair_step.i_auth_seq_id_1 
_ndb_struct_na_base_pair_step.i_PDB_ins_code_1 
_ndb_struct_na_base_pair_step.j_auth_asym_id_1 
_ndb_struct_na_base_pair_step.j_auth_seq_id_1 
_ndb_struct_na_base_pair_step.j_PDB_ins_code_1 
_ndb_struct_na_base_pair_step.i_auth_asym_id_2 
_ndb_struct_na_base_pair_step.i_auth_seq_id_2 
_ndb_struct_na_base_pair_step.i_PDB_ins_code_2 
_ndb_struct_na_base_pair_step.j_auth_asym_id_2 
_ndb_struct_na_base_pair_step.j_auth_seq_id_2 
_ndb_struct_na_base_pair_step.j_PDB_ins_code_2 
1 A G 1 1_555 B C 8 1_555 A G 2 1_555 B C 7 1_555 -0.003 -1.939 3.413 -0.333 6.140 32.867 -4.378 -0.050 3.012 10.734 0.583  33.421 
1 AA_G1G2:C7C8_BB A 1 ? B 8 ? A 2 ? B 7 ? 
1 A G 2 1_555 B C 7 1_555 A C 3 1_555 B G 6 1_555 -0.289 -1.799 3.232 -0.138 3.848 36.764 -3.337 0.438  3.036 6.081  0.219  36.958 
2 AA_G2C3:G6C7_BB A 2 ? B 7 ? A 3 ? B 6 ? 
1 A G 6 1_555 B C 3 1_555 A C 7 1_555 B G 2 1_555 0.202  -1.702 3.162 -0.112 2.841 36.317 -3.096 -0.337 3.024 4.550  0.179  36.425 
3 AA_G6C7:G2C3_BB A 6 ? B 3 ? A 7 ? B 2 ? 
1 A C 7 1_555 B G 2 1_555 A C 8 1_555 B G 1 1_555 -0.037 -1.935 3.351 0.459  6.418 32.351 -4.467 0.141  2.923 11.379 -0.814 32.968 
4 AA_C7C8:G1G2_BB A 7 ? B 2 ? A 8 ? B 1 ? 
# 
_pdbx_nmr_spectrometer.spectrometer_id   1 
_pdbx_nmr_spectrometer.type              ? 
_pdbx_nmr_spectrometer.manufacturer      Varian 
_pdbx_nmr_spectrometer.model             INOVA 
_pdbx_nmr_spectrometer.field_strength    500 
# 
_atom_sites.entry_id                    1MV2 
_atom_sites.fract_transf_matrix[1][1]   1.000000 
_atom_sites.fract_transf_matrix[1][2]   0.000000 
_atom_sites.fract_transf_matrix[1][3]   0.000000 
_atom_sites.fract_transf_matrix[2][1]   0.000000 
_atom_sites.fract_transf_matrix[2][2]   1.000000 
_atom_sites.fract_transf_matrix[2][3]   0.000000 
_atom_sites.fract_transf_matrix[3][1]   0.000000 
_atom_sites.fract_transf_matrix[3][2]   0.000000 
_atom_sites.fract_transf_matrix[3][3]   1.000000 
_atom_sites.fract_transf_vector[1]      0.00000 
_atom_sites.fract_transf_vector[2]      0.00000 
_atom_sites.fract_transf_vector[3]      0.00000 
# 
loop_
_atom_type.symbol 
C 
H 
N 
O 
P 
# 
loop_
_atom_site.group_PDB 
_atom_site.id 
_atom_site.type_symbol 
_atom_site.label_atom_id 
_atom_site.label_alt_id 
_atom_site.label_comp_id 
_atom_site.label_asym_id 
_atom_site.label_entity_id 
_atom_site.label_seq_id 
_atom_site.pdbx_PDB_ins_code 
_atom_site.Cartn_x 
_atom_site.Cartn_y 
_atom_site.Cartn_z 
_atom_site.occupancy 
_atom_site.B_iso_or_equiv 
_atom_site.pdbx_formal_charge 
_atom_site.auth_seq_id 
_atom_site.auth_comp_id 
_atom_site.auth_asym_id 
_atom_site.auth_atom_id 
_atom_site.pdbx_PDB_model_num 
ATOM   1   O "O5'"  . G   A 1 1 ? 2.510   -10.078 7.572  1.00 0.00 ? 1 G   A "O5'"  1 
ATOM   2   C "C5'"  . G   A 1 1 ? 3.647   -10.915 7.637  1.00 0.00 ? 1 G   A "C5'"  1 
ATOM   3   C "C4'"  . G   A 1 1 ? 3.971   -11.544 6.277  1.00 0.00 ? 1 G   A "C4'"  1 
ATOM   4   O "O4'"  . G   A 1 1 ? 2.902   -12.341 5.784  1.00 0.00 ? 1 G   A "O4'"  1 
ATOM   5   C "C3'"  . G   A 1 1 ? 4.267   -10.533 5.170  1.00 0.00 ? 1 G   A "C3'"  1 
ATOM   6   O "O3'"  . G   A 1 1 ? 5.555   -9.945  5.279  1.00 0.00 ? 1 G   A "O3'"  1 
ATOM   7   C "C2'"  . G   A 1 1 ? 4.125   -11.447 3.955  1.00 0.00 ? 1 G   A "C2'"  1 
ATOM   8   O "O2'"  . G   A 1 1 ? 5.248   -12.298 3.798  1.00 0.00 ? 1 G   A "O2'"  1 
ATOM   9   C "C1'"  . G   A 1 1 ? 2.917   -12.298 4.357  1.00 0.00 ? 1 G   A "C1'"  1 
ATOM   10  N N9     . G   A 1 1 ? 1.661   -11.697 3.842  1.00 0.00 ? 1 G   A N9     1 
ATOM   11  C C8     . G   A 1 1 ? 0.635   -11.109 4.539  1.00 0.00 ? 1 G   A C8     1 
ATOM   12  N N7     . G   A 1 1 ? -0.322  -10.638 3.791  1.00 0.00 ? 1 G   A N7     1 
ATOM   13  C C5     . G   A 1 1 ? 0.091   -10.932 2.493  1.00 0.00 ? 1 G   A C5     1 
ATOM   14  C C6     . G   A 1 1 ? -0.531  -10.657 1.231  1.00 0.00 ? 1 G   A C6     1 
ATOM   15  O O6     . G   A 1 1 ? -1.607  -10.106 1.007  1.00 0.00 ? 1 G   A O6     1 
ATOM   16  N N1     . G   A 1 1 ? 0.226   -11.097 0.152  1.00 0.00 ? 1 G   A N1     1 
ATOM   17  C C2     . G   A 1 1 ? 1.409   -11.787 0.271  1.00 0.00 ? 1 G   A C2     1 
ATOM   18  N N2     . G   A 1 1 ? 1.994   -12.173 -0.855 1.00 0.00 ? 1 G   A N2     1 
ATOM   19  N N3     . G   A 1 1 ? 1.999   -12.063 1.441  1.00 0.00 ? 1 G   A N3     1 
ATOM   20  C C4     . G   A 1 1 ? 1.296   -11.602 2.518  1.00 0.00 ? 1 G   A C4     1 
ATOM   21  H "H5'"  . G   A 1 1 ? 3.468   -11.708 8.366  1.00 0.00 ? 1 G   A "H5'"  1 
ATOM   22  H "H5''" . G   A 1 1 ? 4.503   -10.325 7.967  1.00 0.00 ? 1 G   A "H5''" 1 
ATOM   23  H "H4'"  . G   A 1 1 ? 4.847   -12.183 6.398  1.00 0.00 ? 1 G   A "H4'"  1 
ATOM   24  H "H3'"  . G   A 1 1 ? 3.484   -9.772  5.154  1.00 0.00 ? 1 G   A "H3'"  1 
ATOM   25  H "H2'"  . G   A 1 1 ? 3.949   -10.881 3.041  1.00 0.00 ? 1 G   A "H2'"  1 
ATOM   26  H "HO2'" . G   A 1 1 ? 6.037   -11.757 3.880  1.00 0.00 ? 1 G   A "HO2'" 1 
ATOM   27  H "H1'"  . G   A 1 1 ? 3.025   -13.303 3.943  1.00 0.00 ? 1 G   A "H1'"  1 
ATOM   28  H H8     . G   A 1 1 ? 0.618   -11.037 5.614  1.00 0.00 ? 1 G   A H8     1 
ATOM   29  H H1     . G   A 1 1 ? -0.150  -10.909 -0.768 1.00 0.00 ? 1 G   A H1     1 
ATOM   30  H H21    . G   A 1 1 ? 1.590   -11.920 -1.754 1.00 0.00 ? 1 G   A H21    1 
ATOM   31  H H22    . G   A 1 1 ? 2.855   -12.690 -0.793 1.00 0.00 ? 1 G   A H22    1 
ATOM   32  H "HO5'" . G   A 1 1 ? 1.739   -10.626 7.409  1.00 0.00 ? 1 G   A "HO5'" 1 
ATOM   33  P P      . G   A 1 2 ? 5.902   -8.518  4.598  1.00 0.00 ? 2 G   A P      1 
ATOM   34  O OP1    . G   A 1 2 ? 7.292   -8.165  4.962  1.00 0.00 ? 2 G   A OP1    1 
ATOM   35  O OP2    . G   A 1 2 ? 4.802   -7.577  4.904  1.00 0.00 ? 2 G   A OP2    1 
ATOM   36  O "O5'"  . G   A 1 2 ? 5.855   -8.840  3.018  1.00 0.00 ? 2 G   A "O5'"  1 
ATOM   37  C "C5'"  . G   A 1 2 ? 6.881   -9.575  2.377  1.00 0.00 ? 2 G   A "C5'"  1 
ATOM   38  C "C4'"  . G   A 1 2 ? 6.530   -9.826  0.909  1.00 0.00 ? 2 G   A "C4'"  1 
ATOM   39  O "O4'"  . G   A 1 2 ? 5.254   -10.437 0.761  1.00 0.00 ? 2 G   A "O4'"  1 
ATOM   40  C "C3'"  . G   A 1 2 ? 6.491   -8.549  0.069  1.00 0.00 ? 2 G   A "C3'"  1 
ATOM   41  O "O3'"  . G   A 1 2 ? 7.776   -8.117  -0.348 1.00 0.00 ? 2 G   A "O3'"  1 
ATOM   42  C "C2'"  . G   A 1 2 ? 5.642   -9.028  -1.104 1.00 0.00 ? 2 G   A "C2'"  1 
ATOM   43  O "O2'"  . G   A 1 2 ? 6.383   -9.851  -1.989 1.00 0.00 ? 2 G   A "O2'"  1 
ATOM   44  C "C1'"  . G   A 1 2 ? 4.611   -9.897  -0.389 1.00 0.00 ? 2 G   A "C1'"  1 
ATOM   45  N N9     . G   A 1 2 ? 3.413   -9.100  -0.028 1.00 0.00 ? 2 G   A N9     1 
ATOM   46  C C8     . G   A 1 2 ? 2.939   -8.732  1.207  1.00 0.00 ? 2 G   A C8     1 
ATOM   47  N N7     . G   A 1 2 ? 1.795   -8.107  1.176  1.00 0.00 ? 2 G   A N7     1 
ATOM   48  C C5     . G   A 1 2 ? 1.487   -8.031  -0.182 1.00 0.00 ? 2 G   A C5     1 
ATOM   49  C C6     . G   A 1 2 ? 0.353   -7.473  -0.864 1.00 0.00 ? 2 G   A C6     1 
ATOM   50  O O6     . G   A 1 2 ? -0.652  -6.949  -0.389 1.00 0.00 ? 2 G   A O6     1 
ATOM   51  N N1     . G   A 1 2 ? 0.465   -7.554  -2.247 1.00 0.00 ? 2 G   A N1     1 
ATOM   52  C C2     . G   A 1 2 ? 1.522   -8.136  -2.903 1.00 0.00 ? 2 G   A C2     1 
ATOM   53  N N2     . G   A 1 2 ? 1.503   -8.114  -4.230 1.00 0.00 ? 2 G   A N2     1 
ATOM   54  N N3     . G   A 1 2 ? 2.566   -8.700  -2.284 1.00 0.00 ? 2 G   A N3     1 
ATOM   55  C C4     . G   A 1 2 ? 2.493   -8.611  -0.924 1.00 0.00 ? 2 G   A C4     1 
ATOM   56  H "H5'"  . G   A 1 2 ? 7.013   -10.534 2.875  1.00 0.00 ? 2 G   A "H5'"  1 
ATOM   57  H "H5''" . G   A 1 2 ? 7.819   -9.021  2.432  1.00 0.00 ? 2 G   A "H5''" 1 
ATOM   58  H "H4'"  . G   A 1 2 ? 7.280   -10.491 0.479  1.00 0.00 ? 2 G   A "H4'"  1 
ATOM   59  H "H3'"  . G   A 1 2 ? 5.962   -7.768  0.617  1.00 0.00 ? 2 G   A "H3'"  1 
ATOM   60  H "H2'"  . G   A 1 2 ? 5.189   -8.195  -1.643 1.00 0.00 ? 2 G   A "H2'"  1 
ATOM   61  H "HO2'" . G   A 1 2 ? 7.251   -9.454  -2.099 1.00 0.00 ? 2 G   A "HO2'" 1 
ATOM   62  H "H1'"  . G   A 1 2 ? 4.298   -10.700 -1.057 1.00 0.00 ? 2 G   A "H1'"  1 
ATOM   63  H H8     . G   A 1 2 ? 3.456   -8.955  2.128  1.00 0.00 ? 2 G   A H8     1 
ATOM   64  H H1     . G   A 1 2 ? -0.297  -7.165  -2.784 1.00 0.00 ? 2 G   A H1     1 
ATOM   65  H H21    . G   A 1 2 ? 0.736   -7.671  -4.728 1.00 0.00 ? 2 G   A H21    1 
ATOM   66  H H22    . G   A 1 2 ? 2.280   -8.529  -4.717 1.00 0.00 ? 2 G   A H22    1 
ATOM   67  P P      . C   A 1 3 ? 8.059   -6.578  -0.751 1.00 0.00 ? 3 C   A P      1 
ATOM   68  O OP1    . C   A 1 3 ? 9.475   -6.467  -1.166 1.00 0.00 ? 3 C   A OP1    1 
ATOM   69  O OP2    . C   A 1 3 ? 7.543   -5.717  0.335  1.00 0.00 ? 3 C   A OP2    1 
ATOM   70  O "O5'"  . C   A 1 3 ? 7.126   -6.350  -2.049 1.00 0.00 ? 3 C   A "O5'"  1 
ATOM   71  C "C5'"  . C   A 1 3 ? 7.466   -6.857  -3.329 1.00 0.00 ? 3 C   A "C5'"  1 
ATOM   72  C "C4'"  . C   A 1 3 ? 6.474   -6.369  -4.391 1.00 0.00 ? 3 C   A "C4'"  1 
ATOM   73  O "O4'"  . C   A 1 3 ? 5.138   -6.798  -4.159 1.00 0.00 ? 3 C   A "O4'"  1 
ATOM   74  C "C3'"  . C   A 1 3 ? 6.417   -4.847  -4.468 1.00 0.00 ? 3 C   A "C3'"  1 
ATOM   75  O "O3'"  . C   A 1 3 ? 7.553   -4.313  -5.133 1.00 0.00 ? 3 C   A "O3'"  1 
ATOM   76  C "C2'"  . C   A 1 3 ? 5.097   -4.666  -5.213 1.00 0.00 ? 3 C   A "C2'"  1 
ATOM   77  O "O2'"  . C   A 1 3 ? 5.228   -4.887  -6.605 1.00 0.00 ? 3 C   A "O2'"  1 
ATOM   78  C "C1'"  . C   A 1 3 ? 4.239   -5.785  -4.614 1.00 0.00 ? 3 C   A "C1'"  1 
ATOM   79  N N1     . C   A 1 3 ? 3.365   -5.270  -3.516 1.00 0.00 ? 3 C   A N1     1 
ATOM   80  C C2     . C   A 1 3 ? 2.131   -4.692  -3.857 1.00 0.00 ? 3 C   A C2     1 
ATOM   81  O O2     . C   A 1 3 ? 1.793   -4.537  -5.031 1.00 0.00 ? 3 C   A O2     1 
ATOM   82  N N3     . C   A 1 3 ? 1.284   -4.297  -2.867 1.00 0.00 ? 3 C   A N3     1 
ATOM   83  C C4     . C   A 1 3 ? 1.633   -4.429  -1.586 1.00 0.00 ? 3 C   A C4     1 
ATOM   84  N N4     . C   A 1 3 ? 0.753   -4.070  -0.663 1.00 0.00 ? 3 C   A N4     1 
ATOM   85  C C5     . C   A 1 3 ? 2.897   -4.980  -1.199 1.00 0.00 ? 3 C   A C5     1 
ATOM   86  C C6     . C   A 1 3 ? 3.727   -5.384  -2.192 1.00 0.00 ? 3 C   A C6     1 
ATOM   87  H "H5'"  . C   A 1 3 ? 7.470   -7.945  -3.316 1.00 0.00 ? 3 C   A "H5'"  1 
ATOM   88  H "H5''" . C   A 1 3 ? 8.462   -6.508  -3.603 1.00 0.00 ? 3 C   A "H5''" 1 
ATOM   89  H "H4'"  . C   A 1 3 ? 6.789   -6.748  -5.365 1.00 0.00 ? 3 C   A "H4'"  1 
ATOM   90  H "H3'"  . C   A 1 3 ? 6.320   -4.438  -3.461 1.00 0.00 ? 3 C   A "H3'"  1 
ATOM   91  H "H2'"  . C   A 1 3 ? 4.665   -3.686  -5.030 1.00 0.00 ? 3 C   A "H2'"  1 
ATOM   92  H "HO2'" . C   A 1 3 ? 5.729   -4.154  -6.975 1.00 0.00 ? 3 C   A "HO2'" 1 
ATOM   93  H "H1'"  . C   A 1 3 ? 3.605   -6.195  -5.402 1.00 0.00 ? 3 C   A "H1'"  1 
ATOM   94  H H41    . C   A 1 3 ? -0.161  -3.752  -0.970 1.00 0.00 ? 3 C   A H41    1 
ATOM   95  H H42    . C   A 1 3 ? 0.948   -4.221  0.312  1.00 0.00 ? 3 C   A H42    1 
ATOM   96  H H5     . C   A 1 3 ? 3.198   -5.096  -0.169 1.00 0.00 ? 3 C   A H5     1 
ATOM   97  H H6     . C   A 1 3 ? 4.682   -5.815  -1.930 1.00 0.00 ? 3 C   A H6     1 
ATOM   98  P P      . A   A 1 4 ? 8.101   -2.826  -4.825 1.00 0.00 ? 4 A   A P      1 
ATOM   99  O OP1    . A   A 1 4 ? 9.370   -2.640  -5.566 1.00 0.00 ? 4 A   A OP1    1 
ATOM   100 O OP2    . A   A 1 4 ? 8.063   -2.603  -3.364 1.00 0.00 ? 4 A   A OP2    1 
ATOM   101 O "O5'"  . A   A 1 4 ? 6.968   -1.909  -5.506 1.00 0.00 ? 4 A   A "O5'"  1 
ATOM   102 C "C5'"  . A   A 1 4 ? 6.925   -1.686  -6.904 1.00 0.00 ? 4 A   A "C5'"  1 
ATOM   103 C "C4'"  . A   A 1 4 ? 5.594   -1.036  -7.288 1.00 0.00 ? 4 A   A "C4'"  1 
ATOM   104 O "O4'"  . A   A 1 4 ? 4.505   -1.857  -6.883 1.00 0.00 ? 4 A   A "O4'"  1 
ATOM   105 C "C3'"  . A   A 1 4 ? 5.367   0.332   -6.645 1.00 0.00 ? 4 A   A "C3'"  1 
ATOM   106 O "O3'"  . A   A 1 4 ? 6.009   1.395   -7.330 1.00 0.00 ? 4 A   A "O3'"  1 
ATOM   107 C "C2'"  . A   A 1 4 ? 3.847   0.419   -6.690 1.00 0.00 ? 4 A   A "C2'"  1 
ATOM   108 O "O2'"  . A   A 1 4 ? 3.353   0.830   -7.951 1.00 0.00 ? 4 A   A "O2'"  1 
ATOM   109 C "C1'"  . A   A 1 4 ? 3.435   -1.029  -6.448 1.00 0.00 ? 4 A   A "C1'"  1 
ATOM   110 N N9     . A   A 1 4 ? 3.116   -1.208  -5.012 1.00 0.00 ? 4 A   A N9     1 
ATOM   111 C C8     . A   A 1 4 ? 3.944   -1.452  -3.941 1.00 0.00 ? 4 A   A C8     1 
ATOM   112 N N7     . A   A 1 4 ? 3.352   -1.402  -2.778 1.00 0.00 ? 4 A   A N7     1 
ATOM   113 C C5     . A   A 1 4 ? 2.041   -1.047  -3.098 1.00 0.00 ? 4 A   A C5     1 
ATOM   114 C C6     . A   A 1 4 ? 0.884   -0.760  -2.333 1.00 0.00 ? 4 A   A C6     1 
ATOM   115 N N6     . A   A 1 4 ? 0.835   -0.817  -1.004 1.00 0.00 ? 4 A   A N6     1 
ATOM   116 N N1     . A   A 1 4 ? -0.243  -0.386  -2.958 1.00 0.00 ? 4 A   A N1     1 
ATOM   117 C C2     . A   A 1 4 ? -0.237  -0.311  -4.289 1.00 0.00 ? 4 A   A C2     1 
ATOM   118 N N3     . A   A 1 4 ? 0.763   -0.571  -5.126 1.00 0.00 ? 4 A   A N3     1 
ATOM   119 C C4     . A   A 1 4 ? 1.891   -0.935  -4.456 1.00 0.00 ? 4 A   A C4     1 
ATOM   120 H "H5'"  . A   A 1 4 ? 7.017   -2.635  -7.432 1.00 0.00 ? 4 A   A "H5'"  1 
ATOM   121 H "H5''" . A   A 1 4 ? 7.748   -1.033  -7.198 1.00 0.00 ? 4 A   A "H5''" 1 
ATOM   122 H "H4'"  . A   A 1 4 ? 5.552   -0.914  -8.371 1.00 0.00 ? 4 A   A "H4'"  1 
ATOM   123 H "H3'"  . A   A 1 4 ? 5.694   0.297   -5.605 1.00 0.00 ? 4 A   A "H3'"  1 
ATOM   124 H "H2'"  . A   A 1 4 ? 3.480   1.070   -5.900 1.00 0.00 ? 4 A   A "H2'"  1 
ATOM   125 H "HO2'" . A   A 1 4 ? 3.597   1.755   -8.077 1.00 0.00 ? 4 A   A "HO2'" 1 
ATOM   126 H "H1'"  . A   A 1 4 ? 2.539   -1.248  -7.032 1.00 0.00 ? 4 A   A "H1'"  1 
ATOM   127 H H8     . A   A 1 4 ? 4.996   -1.670  -4.046 1.00 0.00 ? 4 A   A H8     1 
ATOM   128 H H61    . A   A 1 4 ? -0.039  -0.626  -0.545 1.00 0.00 ? 4 A   A H61    1 
ATOM   129 H H62    . A   A 1 4 ? 1.659   -1.100  -0.495 1.00 0.00 ? 4 A   A H62    1 
ATOM   130 H H2     . A   A 1 4 ? -1.153  0.002   -4.766 1.00 0.00 ? 4 A   A H2     1 
HETATM 131 N N1     . P5P A 1 5 ? -2.519  3.654   -4.065 1.00 0.00 ? 5 P5P A N1     1 
HETATM 132 C C2     . P5P A 1 5 ? -2.616  4.104   -5.314 1.00 0.00 ? 5 P5P A C2     1 
HETATM 133 N N3     . P5P A 1 5 ? -1.678  4.123   -6.257 1.00 0.00 ? 5 P5P A N3     1 
HETATM 134 C C4     . P5P A 1 5 ? -0.499  3.611   -5.803 1.00 0.00 ? 5 P5P A C4     1 
HETATM 135 C C5     . P5P A 1 5 ? -0.250  3.111   -4.550 1.00 0.00 ? 5 P5P A C5     1 
HETATM 136 C C6     . P5P A 1 5 ? -1.341  3.129   -3.656 1.00 0.00 ? 5 P5P A C6     1 
HETATM 137 N N7     . P5P A 1 5 ? 1.084   2.734   -4.426 1.00 0.00 ? 5 P5P A N7     1 
HETATM 138 C C8     . P5P A 1 5 ? 1.592   3.034   -5.588 1.00 0.00 ? 5 P5P A C8     1 
HETATM 139 N N9     . P5P A 1 5 ? 0.686   3.527   -6.493 1.00 0.00 ? 5 P5P A N9     1 
HETATM 140 C "C1'"  . P5P A 1 5 ? 0.900   4.021   -7.872 1.00 0.00 ? 5 P5P A "C1'"  1 
HETATM 141 C "C2'"  . P5P A 1 5 ? 1.075   5.535   -7.838 1.00 0.00 ? 5 P5P A "C2'"  1 
HETATM 142 O "O2'"  . P5P A 1 5 ? 0.611   6.082   -9.061 1.00 0.00 ? 5 P5P A "O2'"  1 
HETATM 143 C "C3'"  . P5P A 1 5 ? 2.591   5.655   -7.699 1.00 0.00 ? 5 P5P A "C3'"  1 
HETATM 144 O "O3'"  . P5P A 1 5 ? 3.036   6.951   -8.068 1.00 0.00 ? 5 P5P A "O3'"  1 
HETATM 145 C "C4'"  . P5P A 1 5 ? 3.024   4.535   -8.648 1.00 0.00 ? 5 P5P A "C4'"  1 
HETATM 146 O "O4'"  . P5P A 1 5 ? 2.083   3.484   -8.457 1.00 0.00 ? 5 P5P A "O4'"  1 
HETATM 147 C "C5'"  . P5P A 1 5 ? 4.464   4.051   -8.452 1.00 0.00 ? 5 P5P A "C5'"  1 
HETATM 148 O "O5'"  . P5P A 1 5 ? 4.655   3.516   -7.155 1.00 0.00 ? 5 P5P A "O5'"  1 
HETATM 149 P P      . P5P A 1 5 ? 6.073   2.885   -6.706 1.00 0.00 ? 5 P5P A P      1 
HETATM 150 O OP1    . P5P A 1 5 ? 7.152   3.625   -7.393 1.00 0.00 ? 5 P5P A OP1    1 
HETATM 151 O OP2    . P5P A 1 5 ? 6.073   2.773   -5.232 1.00 0.00 ? 5 P5P A OP2    1 
HETATM 152 H H2     . P5P A 1 5 ? -3.579  4.505   -5.596 1.00 0.00 ? 5 P5P A H2     1 
HETATM 153 H H6     . P5P A 1 5 ? -1.226  2.755   -2.651 1.00 0.00 ? 5 P5P A H6     1 
HETATM 154 H H8     . P5P A 1 5 ? 2.638   2.912   -5.819 1.00 0.00 ? 5 P5P A H8     1 
HETATM 155 H "H1'"  . P5P A 1 5 ? 0.025   3.760   -8.470 1.00 0.00 ? 5 P5P A "H1'"  1 
HETATM 156 H "H2'"  . P5P A 1 5 ? 0.555   5.989   -6.995 1.00 0.00 ? 5 P5P A "H2'"  1 
HETATM 157 H "HO2'" . P5P A 1 5 ? 1.106   6.890   -9.224 1.00 0.00 ? 5 P5P A "HO2'" 1 
HETATM 158 H "H3'"  . P5P A 1 5 ? 2.896   5.407   -6.681 1.00 0.00 ? 5 P5P A "H3'"  1 
HETATM 159 H "H4'"  . P5P A 1 5 ? 2.922   4.900   -9.671 1.00 0.00 ? 5 P5P A "H4'"  1 
HETATM 160 H "H5'1" . P5P A 1 5 ? 4.686   3.285   -9.196 1.00 0.00 ? 5 P5P A "H5'1" 1 
HETATM 161 H "H5'2" . P5P A 1 5 ? 5.144   4.891   -8.599 1.00 0.00 ? 5 P5P A "H5'2" 1 
ATOM   162 P P      . G   A 1 6 ? 3.218   8.122   -6.967 1.00 0.00 ? 6 G   A P      1 
ATOM   163 O OP1    . G   A 1 6 ? 3.539   9.376   -7.683 1.00 0.00 ? 6 G   A OP1    1 
ATOM   164 O OP2    . G   A 1 6 ? 4.131   7.626   -5.915 1.00 0.00 ? 6 G   A OP2    1 
ATOM   165 O "O5'"  . G   A 1 6 ? 1.748   8.276   -6.307 1.00 0.00 ? 6 G   A "O5'"  1 
ATOM   166 C "C5'"  . G   A 1 6 ? 0.679   8.914   -6.982 1.00 0.00 ? 6 G   A "C5'"  1 
ATOM   167 C "C4'"  . G   A 1 6 ? -0.587  8.928   -6.118 1.00 0.00 ? 6 G   A "C4'"  1 
ATOM   168 O "O4'"  . G   A 1 6 ? -1.016  7.626   -5.735 1.00 0.00 ? 6 G   A "O4'"  1 
ATOM   169 C "C3'"  . G   A 1 6 ? -0.410  9.719   -4.825 1.00 0.00 ? 6 G   A "C3'"  1 
ATOM   170 O "O3'"  . G   A 1 6 ? -0.537  11.117  -5.042 1.00 0.00 ? 6 G   A "O3'"  1 
ATOM   171 C "C2'"  . G   A 1 6 ? -1.547  9.141   -3.989 1.00 0.00 ? 6 G   A "C2'"  1 
ATOM   172 O "O2'"  . G   A 1 6 ? -2.798  9.699   -4.354 1.00 0.00 ? 6 G   A "O2'"  1 
ATOM   173 C "C1'"  . G   A 1 6 ? -1.526  7.670   -4.405 1.00 0.00 ? 6 G   A "C1'"  1 
ATOM   174 N N9     . G   A 1 6 ? -0.680  6.861   -3.492 1.00 0.00 ? 6 G   A N9     1 
ATOM   175 C C8     . G   A 1 6 ? 0.557   6.311   -3.723 1.00 0.00 ? 6 G   A C8     1 
ATOM   176 N N7     . G   A 1 6 ? 1.007   5.576   -2.746 1.00 0.00 ? 6 G   A N7     1 
ATOM   177 C C5     . G   A 1 6 ? 0.003   5.643   -1.782 1.00 0.00 ? 6 G   A C5     1 
ATOM   178 C C6     . G   A 1 6 ? -0.096  5.017   -0.495 1.00 0.00 ? 6 G   A C6     1 
ATOM   179 O O6     . G   A 1 6 ? 0.664   4.205   0.028  1.00 0.00 ? 6 G   A O6     1 
ATOM   180 N N1     . G   A 1 6 ? -1.220  5.423   0.213  1.00 0.00 ? 6 G   A N1     1 
ATOM   181 C C2     . G   A 1 6 ? -2.181  6.268   -0.287 1.00 0.00 ? 6 G   A C2     1 
ATOM   182 N N2     . G   A 1 6 ? -3.189  6.565   0.524  1.00 0.00 ? 6 G   A N2     1 
ATOM   183 N N3     . G   A 1 6 ? -2.140  6.806   -1.516 1.00 0.00 ? 6 G   A N3     1 
ATOM   184 C C4     . G   A 1 6 ? -1.015  6.465   -2.215 1.00 0.00 ? 6 G   A C4     1 
ATOM   185 H "H5'"  . G   A 1 6 ? 0.464   8.395   -7.914 1.00 0.00 ? 6 G   A "H5'"  1 
ATOM   186 H "H5''" . G   A 1 6 ? 0.957   9.944   -7.213 1.00 0.00 ? 6 G   A "H5''" 1 
ATOM   187 H "H4'"  . G   A 1 6 ? -1.393  9.391   -6.690 1.00 0.00 ? 6 G   A "H4'"  1 
ATOM   188 H "H3'"  . G   A 1 6 ? 0.549   9.466   -4.368 1.00 0.00 ? 6 G   A "H3'"  1 
ATOM   189 H "H2'"  . G   A 1 6 ? -1.374  9.267   -2.922 1.00 0.00 ? 6 G   A "H2'"  1 
ATOM   190 H "HO2'" . G   A 1 6 ? -2.667  10.642  -4.488 1.00 0.00 ? 6 G   A "HO2'" 1 
ATOM   191 H "H1'"  . G   A 1 6 ? -2.541  7.271   -4.378 1.00 0.00 ? 6 G   A "H1'"  1 
ATOM   192 H H8     . G   A 1 6 ? 1.104   6.455   -4.643 1.00 0.00 ? 6 G   A H8     1 
ATOM   193 H H1     . G   A 1 6 ? -1.326  5.051   1.146  1.00 0.00 ? 6 G   A H1     1 
ATOM   194 H H21    . G   A 1 6 ? -3.217  6.193   1.469  1.00 0.00 ? 6 G   A H21    1 
ATOM   195 H H22    . G   A 1 6 ? -3.921  7.161   0.176  1.00 0.00 ? 6 G   A H22    1 
ATOM   196 P P      . C   A 1 7 ? 0.245   12.199  -4.132 1.00 0.00 ? 7 C   A P      1 
ATOM   197 O OP1    . C   A 1 7 ? -0.077  13.549  -4.641 1.00 0.00 ? 7 C   A OP1    1 
ATOM   198 O OP2    . C   A 1 7 ? 1.657   11.772  -4.013 1.00 0.00 ? 7 C   A OP2    1 
ATOM   199 O "O5'"  . C   A 1 7 ? -0.455  12.014  -2.693 1.00 0.00 ? 7 C   A "O5'"  1 
ATOM   200 C "C5'"  . C   A 1 7 ? -1.758  12.494  -2.421 1.00 0.00 ? 7 C   A "C5'"  1 
ATOM   201 C "C4'"  . C   A 1 7 ? -2.215  12.042  -1.032 1.00 0.00 ? 7 C   A "C4'"  1 
ATOM   202 O "O4'"  . C   A 1 7 ? -2.276  10.624  -0.922 1.00 0.00 ? 7 C   A "O4'"  1 
ATOM   203 C "C3'"  . C   A 1 7 ? -1.293  12.509  0.093  1.00 0.00 ? 7 C   A "C3'"  1 
ATOM   204 O "O3'"  . C   A 1 7 ? -1.498  13.868  0.447  1.00 0.00 ? 7 C   A "O3'"  1 
ATOM   205 C "C2'"  . C   A 1 7 ? -1.706  11.533  1.192  1.00 0.00 ? 7 C   A "C2'"  1 
ATOM   206 O "O2'"  . C   A 1 7 ? -2.937  11.899  1.786  1.00 0.00 ? 7 C   A "O2'"  1 
ATOM   207 C "C1'"  . C   A 1 7 ? -1.906  10.240  0.399  1.00 0.00 ? 7 C   A "C1'"  1 
ATOM   208 N N1     . C   A 1 7 ? -0.677  9.389   0.431  1.00 0.00 ? 7 C   A N1     1 
ATOM   209 C C2     . C   A 1 7 ? -0.473  8.572   1.549  1.00 0.00 ? 7 C   A C2     1 
ATOM   210 O O2     . C   A 1 7 ? -1.250  8.590   2.503  1.00 0.00 ? 7 C   A O2     1 
ATOM   211 N N3     . C   A 1 7 ? 0.604   7.742   1.583  1.00 0.00 ? 7 C   A N3     1 
ATOM   212 C C4     . C   A 1 7 ? 1.469   7.710   0.568  1.00 0.00 ? 7 C   A C4     1 
ATOM   213 N N4     . C   A 1 7 ? 2.471   6.845   0.637  1.00 0.00 ? 7 C   A N4     1 
ATOM   214 C C5     . C   A 1 7 ? 1.320   8.564   -0.573 1.00 0.00 ? 7 C   A C5     1 
ATOM   215 C C6     . C   A 1 7 ? 0.243   9.387   -0.595 1.00 0.00 ? 7 C   A C6     1 
ATOM   216 H "H5'"  . C   A 1 7 ? -2.458  12.112  -3.165 1.00 0.00 ? 7 C   A "H5'"  1 
ATOM   217 H "H5''" . C   A 1 7 ? -1.760  13.583  -2.462 1.00 0.00 ? 7 C   A "H5''" 1 
ATOM   218 H "H4'"  . C   A 1 7 ? -3.215  12.440  -0.845 1.00 0.00 ? 7 C   A "H4'"  1 
ATOM   219 H "H3'"  . C   A 1 7 ? -0.256  12.325  -0.188 1.00 0.00 ? 7 C   A "H3'"  1 
ATOM   220 H "H2'"  . C   A 1 7 ? -0.936  11.431  1.953  1.00 0.00 ? 7 C   A "H2'"  1 
ATOM   221 H "HO2'" . C   A 1 7 ? -2.897  12.837  1.990  1.00 0.00 ? 7 C   A "HO2'" 1 
ATOM   222 H "H1'"  . C   A 1 7 ? -2.728  9.680   0.850  1.00 0.00 ? 7 C   A "H1'"  1 
ATOM   223 H H41    . C   A 1 7 ? 2.536   6.253   1.460  1.00 0.00 ? 7 C   A H41    1 
ATOM   224 H H42    . C   A 1 7 ? 3.106   6.735   -0.135 1.00 0.00 ? 7 C   A H42    1 
ATOM   225 H H5     . C   A 1 7 ? 2.014   8.563   -1.399 1.00 0.00 ? 7 C   A H5     1 
ATOM   226 H H6     . C   A 1 7 ? 0.104   10.035  -1.444 1.00 0.00 ? 7 C   A H6     1 
ATOM   227 P P      . C   A 1 8 ? -0.338  14.751  1.147  1.00 0.00 ? 8 C   A P      1 
ATOM   228 O OP1    . C   A 1 8 ? -0.844  16.132  1.306  1.00 0.00 ? 8 C   A OP1    1 
ATOM   229 O OP2    . C   A 1 8 ? 0.930   14.512  0.423  1.00 0.00 ? 8 C   A OP2    1 
ATOM   230 O "O5'"  . C   A 1 8 ? -0.208  14.081  2.608  1.00 0.00 ? 8 C   A "O5'"  1 
ATOM   231 C "C5'"  . C   A 1 8 ? -1.164  14.313  3.627  1.00 0.00 ? 8 C   A "C5'"  1 
ATOM   232 C "C4'"  . C   A 1 8 ? -0.865  13.445  4.854  1.00 0.00 ? 8 C   A "C4'"  1 
ATOM   233 O "O4'"  . C   A 1 8 ? -0.858  12.060  4.531  1.00 0.00 ? 8 C   A "O4'"  1 
ATOM   234 C "C3'"  . C   A 1 8 ? 0.495   13.734  5.489  1.00 0.00 ? 8 C   A "C3'"  1 
ATOM   235 O "O3'"  . C   A 1 8 ? 0.499   14.876  6.332  1.00 0.00 ? 8 C   A "O3'"  1 
ATOM   236 C "C2'"  . C   A 1 8 ? 0.690   12.449  6.286  1.00 0.00 ? 8 C   A "C2'"  1 
ATOM   237 O "O2'"  . C   A 1 8 ? -0.064  12.459  7.485  1.00 0.00 ? 8 C   A "O2'"  1 
ATOM   238 C "C1'"  . C   A 1 8 ? 0.104   11.396  5.348  1.00 0.00 ? 8 C   A "C1'"  1 
ATOM   239 N N1     . C   A 1 8 ? 1.188   10.735  4.563  1.00 0.00 ? 8 C   A N1     1 
ATOM   240 C C2     . C   A 1 8 ? 1.936   9.738   5.200  1.00 0.00 ? 8 C   A C2     1 
ATOM   241 O O2     . C   A 1 8 ? 1.758   9.457   6.383  1.00 0.00 ? 8 C   A O2     1 
ATOM   242 N N3     . C   A 1 8 ? 2.897   9.080   4.502  1.00 0.00 ? 8 C   A N3     1 
ATOM   243 C C4     . C   A 1 8 ? 3.148   9.393   3.232  1.00 0.00 ? 8 C   A C4     1 
ATOM   244 N N4     . C   A 1 8 ? 4.106   8.717   2.619  1.00 0.00 ? 8 C   A N4     1 
ATOM   245 C C5     . C   A 1 8 ? 2.457   10.459  2.568  1.00 0.00 ? 8 C   A C5     1 
ATOM   246 C C6     . C   A 1 8 ? 1.495   11.105  3.272  1.00 0.00 ? 8 C   A C6     1 
ATOM   247 H "H5'"  . C   A 1 8 ? -2.161  14.073  3.260  1.00 0.00 ? 8 C   A "H5'"  1 
ATOM   248 H "H5''" . C   A 1 8 ? -1.141  15.364  3.919  1.00 0.00 ? 8 C   A "H5''" 1 
ATOM   249 H "H4'"  . C   A 1 8 ? -1.639  13.619  5.603  1.00 0.00 ? 8 C   A "H4'"  1 
ATOM   250 H "H3'"  . C   A 1 8 ? 1.255   13.807  4.711  1.00 0.00 ? 8 C   A "H3'"  1 
ATOM   251 H "H2'"  . C   A 1 8 ? 1.742   12.271  6.498  1.00 0.00 ? 8 C   A "H2'"  1 
ATOM   252 H "HO2'" . C   A 1 8 ? -0.024  13.350  7.846  1.00 0.00 ? 8 C   A "HO2'" 1 
ATOM   253 H "H1'"  . C   A 1 8 ? -0.402  10.637  5.948  1.00 0.00 ? 8 C   A "H1'"  1 
ATOM   254 H H41    . C   A 1 8 ? 4.579   7.987   3.143  1.00 0.00 ? 8 C   A H41    1 
ATOM   255 H H42    . C   A 1 8 ? 4.365   8.935   1.671  1.00 0.00 ? 8 C   A H42    1 
ATOM   256 H H5     . C   A 1 8 ? 2.677   10.759  1.554  1.00 0.00 ? 8 C   A H5     1 
ATOM   257 H H6     . C   A 1 8 ? 0.965   11.920  2.806  1.00 0.00 ? 8 C   A H6     1 
ATOM   258 P P      . U   A 1 9 ? 1.857   15.710  6.612  1.00 0.00 ? 9 U   A P      1 
ATOM   259 O OP1    . U   A 1 9 ? 1.557   16.744  7.628  1.00 0.00 ? 9 U   A OP1    1 
ATOM   260 O OP2    . U   A 1 9 ? 2.424   16.106  5.306  1.00 0.00 ? 9 U   A OP2    1 
ATOM   261 O "O5'"  . U   A 1 9 ? 2.850   14.616  7.270  1.00 0.00 ? 9 U   A "O5'"  1 
ATOM   262 C "C5'"  . U   A 1 9 ? 2.749   14.210  8.624  1.00 0.00 ? 9 U   A "C5'"  1 
ATOM   263 C "C4'"  . U   A 1 9 ? 3.788   13.124  8.940  1.00 0.00 ? 9 U   A "C4'"  1 
ATOM   264 O "O4'"  . U   A 1 9 ? 3.616   11.974  8.125  1.00 0.00 ? 9 U   A "O4'"  1 
ATOM   265 C "C3'"  . U   A 1 9 ? 5.230   13.578  8.718  1.00 0.00 ? 9 U   A "C3'"  1 
ATOM   266 O "O3'"  . U   A 1 9 ? 5.753   14.335  9.790  1.00 0.00 ? 9 U   A "O3'"  1 
ATOM   267 C "C2'"  . U   A 1 9 ? 5.941   12.232  8.597  1.00 0.00 ? 9 U   A "C2'"  1 
ATOM   268 O "O2'"  . U   A 1 9 ? 6.216   11.661  9.868  1.00 0.00 ? 9 U   A "O2'"  1 
ATOM   269 C "C1'"  . U   A 1 9 ? 4.887   11.381  7.875  1.00 0.00 ? 9 U   A "C1'"  1 
ATOM   270 N N1     . U   A 1 9 ? 5.196   11.297  6.418  1.00 0.00 ? 9 U   A N1     1 
ATOM   271 C C2     . U   A 1 9 ? 6.152   10.356  6.016  1.00 0.00 ? 9 U   A C2     1 
ATOM   272 O O2     . U   A 1 9 ? 6.725   9.606   6.804  1.00 0.00 ? 9 U   A O2     1 
ATOM   273 N N3     . U   A 1 9 ? 6.458   10.313  4.664  1.00 0.00 ? 9 U   A N3     1 
ATOM   274 C C4     . U   A 1 9 ? 5.952   11.163  3.695  1.00 0.00 ? 9 U   A C4     1 
ATOM   275 O O4     . U   A 1 9 ? 6.319   11.059  2.528  1.00 0.00 ? 9 U   A O4     1 
ATOM   276 C C5     . U   A 1 9 ? 4.996   12.133  4.194  1.00 0.00 ? 9 U   A C5     1 
ATOM   277 C C6     . U   A 1 9 ? 4.649   12.173  5.505  1.00 0.00 ? 9 U   A C6     1 
ATOM   278 H "H5'"  . U   A 1 9 ? 1.754   13.816  8.823  1.00 0.00 ? 9 U   A "H5'"  1 
ATOM   279 H "H5''" . U   A 1 9 ? 2.925   15.067  9.276  1.00 0.00 ? 9 U   A "H5''" 1 
ATOM   280 H "H4'"  . U   A 1 9 ? 3.676   12.823  9.982  1.00 0.00 ? 9 U   A "H4'"  1 
ATOM   281 H "H3'"  . U   A 1 9 ? 5.316   14.127  7.780  1.00 0.00 ? 9 U   A "H3'"  1 
ATOM   282 H "HO3'" . U   A 1 9 ? 6.055   13.698  10.447 1.00 0.00 ? 9 U   A "HO3'" 1 
ATOM   283 H "H2'"  . U   A 1 9 ? 6.863   12.328  8.020  1.00 0.00 ? 9 U   A "H2'"  1 
ATOM   284 H "HO2'" . U   A 1 9 ? 6.686   10.830  9.741  1.00 0.00 ? 9 U   A "HO2'" 1 
ATOM   285 H "H1'"  . U   A 1 9 ? 4.894   10.372  8.290  1.00 0.00 ? 9 U   A "H1'"  1 
ATOM   286 H H3     . U   A 1 9 ? 7.108   9.605   4.358  1.00 0.00 ? 9 U   A H3     1 
ATOM   287 H H5     . U   A 1 9 ? 4.554   12.828  3.497  1.00 0.00 ? 9 U   A H5     1 
ATOM   288 H H6     . U   A 1 9 ? 3.935   12.914  5.831  1.00 0.00 ? 9 U   A H6     1 
ATOM   289 O "O5'"  . G   B 1 1 ? 8.603   1.540   8.198  1.00 0.00 ? 1 G   B "O5'"  1 
ATOM   290 C "C5'"  . G   B 1 1 ? 8.761   1.543   9.605  1.00 0.00 ? 1 G   B "C5'"  1 
ATOM   291 C "C4'"  . G   B 1 1 ? 7.889   2.599   10.302 1.00 0.00 ? 1 G   B "C4'"  1 
ATOM   292 O "O4'"  . G   B 1 1 ? 8.314   3.925   10.010 1.00 0.00 ? 1 G   B "O4'"  1 
ATOM   293 C "C3'"  . G   B 1 1 ? 6.404   2.529   9.941  1.00 0.00 ? 1 G   B "C3'"  1 
ATOM   294 O "O3'"  . G   B 1 1 ? 5.707   1.533   10.673 1.00 0.00 ? 1 G   B "O3'"  1 
ATOM   295 C "C2'"  . G   B 1 1 ? 5.966   3.945   10.299 1.00 0.00 ? 1 G   B "C2'"  1 
ATOM   296 O "O2'"  . G   B 1 1 ? 5.820   4.115   11.698 1.00 0.00 ? 1 G   B "O2'"  1 
ATOM   297 C "C1'"  . G   B 1 1 ? 7.173   4.758   9.826  1.00 0.00 ? 1 G   B "C1'"  1 
ATOM   298 N N9     . G   B 1 1 ? 7.039   5.132   8.396  1.00 0.00 ? 1 G   B N9     1 
ATOM   299 C C8     . G   B 1 1 ? 7.779   4.707   7.319  1.00 0.00 ? 1 G   B C8     1 
ATOM   300 N N7     . G   B 1 1 ? 7.393   5.199   6.175  1.00 0.00 ? 1 G   B N7     1 
ATOM   301 C C5     . G   B 1 1 ? 6.317   6.019   6.509  1.00 0.00 ? 1 G   B C5     1 
ATOM   302 C C6     . G   B 1 1 ? 5.469   6.826   5.682  1.00 0.00 ? 1 G   B C6     1 
ATOM   303 O O6     . G   B 1 1 ? 5.517   6.998   4.466  1.00 0.00 ? 1 G   B O6     1 
ATOM   304 N N1     . G   B 1 1 ? 4.483   7.488   6.407  1.00 0.00 ? 1 G   B N1     1 
ATOM   305 C C2     . G   B 1 1 ? 4.365   7.430   7.775  1.00 0.00 ? 1 G   B C2     1 
ATOM   306 N N2     . G   B 1 1 ? 3.392   8.146   8.324  1.00 0.00 ? 1 G   B N2     1 
ATOM   307 N N3     . G   B 1 1 ? 5.156   6.691   8.565  1.00 0.00 ? 1 G   B N3     1 
ATOM   308 C C4     . G   B 1 1 ? 6.108   5.999   7.871  1.00 0.00 ? 1 G   B C4     1 
ATOM   309 H "H5'"  . G   B 1 1 ? 9.806   1.739   9.845  1.00 0.00 ? 1 G   B "H5'"  1 
ATOM   310 H "H5''" . G   B 1 1 ? 8.497   0.557   9.990  1.00 0.00 ? 1 G   B "H5''" 1 
ATOM   311 H "H4'"  . G   B 1 1 ? 7.980   2.457   11.379 1.00 0.00 ? 1 G   B "H4'"  1 
ATOM   312 H "H3'"  . G   B 1 1 ? 6.292   2.383   8.866  1.00 0.00 ? 1 G   B "H3'"  1 
ATOM   313 H "H2'"  . G   B 1 1 ? 5.047   4.224   9.784  1.00 0.00 ? 1 G   B "H2'"  1 
ATOM   314 H "HO2'" . G   B 1 1 ? 5.368   3.339   12.041 1.00 0.00 ? 1 G   B "HO2'" 1 
ATOM   315 H "H1'"  . G   B 1 1 ? 7.261   5.667   10.422 1.00 0.00 ? 1 G   B "H1'"  1 
ATOM   316 H H8     . G   B 1 1 ? 8.609   4.022   7.408  1.00 0.00 ? 1 G   B H8     1 
ATOM   317 H H1     . G   B 1 1 ? 3.839   8.055   5.873  1.00 0.00 ? 1 G   B H1     1 
ATOM   318 H H21    . G   B 1 1 ? 2.751   8.672   7.736  1.00 0.00 ? 1 G   B H21    1 
ATOM   319 H H22    . G   B 1 1 ? 3.290   8.123   9.325  1.00 0.00 ? 1 G   B H22    1 
ATOM   320 H "HO5'" . G   B 1 1 ? 7.754   1.150   7.973  1.00 0.00 ? 1 G   B "HO5'" 1 
ATOM   321 P P      . G   B 1 2 ? 4.389   0.810   10.079 1.00 0.00 ? 2 G   B P      1 
ATOM   322 O OP1    . G   B 1 2 ? 3.925   -0.184  11.070 1.00 0.00 ? 2 G   B OP1    1 
ATOM   323 O OP2    . G   B 1 2 ? 4.686   0.385   8.693  1.00 0.00 ? 2 G   B OP2    1 
ATOM   324 O "O5'"  . G   B 1 2 ? 3.313   2.010   10.015 1.00 0.00 ? 2 G   B "O5'"  1 
ATOM   325 C "C5'"  . G   B 1 2 ? 2.706   2.532   11.184 1.00 0.00 ? 2 G   B "C5'"  1 
ATOM   326 C "C4'"  . G   B 1 2 ? 1.783   3.702   10.832 1.00 0.00 ? 2 G   B "C4'"  1 
ATOM   327 O "O4'"  . G   B 1 2 ? 2.470   4.718   10.113 1.00 0.00 ? 2 G   B "O4'"  1 
ATOM   328 C "C3'"  . G   B 1 2 ? 0.603   3.287   9.957  1.00 0.00 ? 2 G   B "C3'"  1 
ATOM   329 O "O3'"  . G   B 1 2 ? -0.441  2.677   10.698 1.00 0.00 ? 2 G   B "O3'"  1 
ATOM   330 C "C2'"  . G   B 1 2 ? 0.217   4.635   9.352  1.00 0.00 ? 2 G   B "C2'"  1 
ATOM   331 O "O2'"  . G   B 1 2 ? -0.498  5.473   10.244 1.00 0.00 ? 2 G   B "O2'"  1 
ATOM   332 C "C1'"  . G   B 1 2 ? 1.597   5.254   9.126  1.00 0.00 ? 2 G   B "C1'"  1 
ATOM   333 N N9     . G   B 1 2 ? 2.072   4.972   7.752  1.00 0.00 ? 2 G   B N9     1 
ATOM   334 C C8     . G   B 1 2 ? 3.098   4.172   7.316  1.00 0.00 ? 2 G   B C8     1 
ATOM   335 N N7     . G   B 1 2 ? 3.298   4.221   6.027  1.00 0.00 ? 2 G   B N7     1 
ATOM   336 C C5     . G   B 1 2 ? 2.327   5.108   5.564  1.00 0.00 ? 2 G   B C5     1 
ATOM   337 C C6     . G   B 1 2 ? 2.042   5.598   4.244  1.00 0.00 ? 2 G   B C6     1 
ATOM   338 O O6     . G   B 1 2 ? 2.625   5.359   3.189  1.00 0.00 ? 2 G   B O6     1 
ATOM   339 N N1     . G   B 1 2 ? 0.943   6.449   4.212  1.00 0.00 ? 2 G   B N1     1 
ATOM   340 C C2     . G   B 1 2 ? 0.218   6.817   5.321  1.00 0.00 ? 2 G   B C2     1 
ATOM   341 N N2     . G   B 1 2 ? -0.818  7.623   5.133  1.00 0.00 ? 2 G   B N2     1 
ATOM   342 N N3     . G   B 1 2 ? 0.492   6.400   6.563  1.00 0.00 ? 2 G   B N3     1 
ATOM   343 C C4     . G   B 1 2 ? 1.555   5.548   6.617  1.00 0.00 ? 2 G   B C4     1 
ATOM   344 H "H5'"  . G   B 1 2 ? 3.472   2.884   11.872 1.00 0.00 ? 2 G   B "H5'"  1 
ATOM   345 H "H5''" . G   B 1 2 ? 2.122   1.752   11.675 1.00 0.00 ? 2 G   B "H5''" 1 
ATOM   346 H "H4'"  . G   B 1 2 ? 1.389   4.134   11.752 1.00 0.00 ? 2 G   B "H4'"  1 
ATOM   347 H "H3'"  . G   B 1 2 ? 0.958   2.623   9.166  1.00 0.00 ? 2 G   B "H3'"  1 
ATOM   348 H "H2'"  . G   B 1 2 ? -0.339  4.507   8.423  1.00 0.00 ? 2 G   B "H2'"  1 
ATOM   349 H "HO2'" . G   B 1 2 ? -0.839  6.225   9.752  1.00 0.00 ? 2 G   B "HO2'" 1 
ATOM   350 H "H1'"  . G   B 1 2 ? 1.532   6.336   9.243  1.00 0.00 ? 2 G   B "H1'"  1 
ATOM   351 H H8     . G   B 1 2 ? 3.699   3.571   7.980  1.00 0.00 ? 2 G   B H8     1 
ATOM   352 H H1     . G   B 1 2 ? 0.690   6.826   3.310  1.00 0.00 ? 2 G   B H1     1 
ATOM   353 H H21    . G   B 1 2 ? -1.057  7.948   4.199  1.00 0.00 ? 2 G   B H21    1 
ATOM   354 H H22    . G   B 1 2 ? -1.358  7.895   5.937  1.00 0.00 ? 2 G   B H22    1 
ATOM   355 P P      . C   B 1 3 ? -1.531  1.721   9.991  1.00 0.00 ? 3 C   B P      1 
ATOM   356 O OP1    . C   B 1 3 ? -2.508  1.298   11.020 1.00 0.00 ? 3 C   B OP1    1 
ATOM   357 O OP2    . C   B 1 3 ? -0.801  0.696   9.213  1.00 0.00 ? 3 C   B OP2    1 
ATOM   358 O "O5'"  . C   B 1 3 ? -2.279  2.693   8.942  1.00 0.00 ? 3 C   B "O5'"  1 
ATOM   359 C "C5'"  . C   B 1 3 ? -3.237  3.656   9.351  1.00 0.00 ? 3 C   B "C5'"  1 
ATOM   360 C "C4'"  . C   B 1 3 ? -3.862  4.346   8.133  1.00 0.00 ? 3 C   B "C4'"  1 
ATOM   361 O "O4'"  . C   B 1 3 ? -2.920  5.066   7.346  1.00 0.00 ? 3 C   B "O4'"  1 
ATOM   362 C "C3'"  . C   B 1 3 ? -4.518  3.345   7.189  1.00 0.00 ? 3 C   B "C3'"  1 
ATOM   363 O "O3'"  . C   B 1 3 ? -5.759  2.881   7.701  1.00 0.00 ? 3 C   B "O3'"  1 
ATOM   364 C "C2'"  . C   B 1 3 ? -4.609  4.179   5.914  1.00 0.00 ? 3 C   B "C2'"  1 
ATOM   365 O "O2'"  . C   B 1 3 ? -5.710  5.068   5.907  1.00 0.00 ? 3 C   B "O2'"  1 
ATOM   366 C "C1'"  . C   B 1 3 ? -3.316  4.998   5.976  1.00 0.00 ? 3 C   B "C1'"  1 
ATOM   367 N N1     . C   B 1 3 ? -2.259  4.394   5.110  1.00 0.00 ? 3 C   B N1     1 
ATOM   368 C C2     . C   B 1 3 ? -2.223  4.746   3.751  1.00 0.00 ? 3 C   B C2     1 
ATOM   369 O O2     . C   B 1 3 ? -3.048  5.519   3.263  1.00 0.00 ? 3 C   B O2     1 
ATOM   370 N N3     . C   B 1 3 ? -1.252  4.222   2.954  1.00 0.00 ? 3 C   B N3     1 
ATOM   371 C C4     . C   B 1 3 ? -0.360  3.365   3.449  1.00 0.00 ? 3 C   B C4     1 
ATOM   372 N N4     . C   B 1 3 ? 0.582   2.913   2.633  1.00 0.00 ? 3 C   B N4     1 
ATOM   373 C C5     . C   B 1 3 ? -0.384  2.956   4.822  1.00 0.00 ? 3 C   B C5     1 
ATOM   374 C C6     . C   B 1 3 ? -1.348  3.490   5.612  1.00 0.00 ? 3 C   B C6     1 
ATOM   375 H "H5'"  . C   B 1 3 ? -2.771  4.401   9.993  1.00 0.00 ? 3 C   B "H5'"  1 
ATOM   376 H "H5''" . C   B 1 3 ? -4.030  3.162   9.912  1.00 0.00 ? 3 C   B "H5''" 1 
ATOM   377 H "H4'"  . C   B 1 3 ? -4.626  5.046   8.475  1.00 0.00 ? 3 C   B "H4'"  1 
ATOM   378 H "H3'"  . C   B 1 3 ? -3.834  2.512   7.018  1.00 0.00 ? 3 C   B "H3'"  1 
ATOM   379 H "H2'"  . C   B 1 3 ? -4.634  3.548   5.030  1.00 0.00 ? 3 C   B "H2'"  1 
ATOM   380 H "HO2'" . C   B 1 3 ? -6.463  4.608   5.519  1.00 0.00 ? 3 C   B "HO2'" 1 
ATOM   381 H "H1'"  . C   B 1 3 ? -3.527  6.007   5.617  1.00 0.00 ? 3 C   B "H1'"  1 
ATOM   382 H H41    . C   B 1 3 ? 0.615   3.292   1.693  1.00 0.00 ? 3 C   B H41    1 
ATOM   383 H H42    . C   B 1 3 ? 1.317   2.321   2.983  1.00 0.00 ? 3 C   B H42    1 
ATOM   384 H H5     . C   B 1 3 ? 0.328   2.262   5.241  1.00 0.00 ? 3 C   B H5     1 
ATOM   385 H H6     . C   B 1 3 ? -1.389  3.207   6.652  1.00 0.00 ? 3 C   B H6     1 
ATOM   386 P P      . A   B 1 4 ? -6.437  1.510   7.189  1.00 0.00 ? 4 A   B P      1 
ATOM   387 O OP1    . A   B 1 4 ? -7.587  1.207   8.071  1.00 0.00 ? 4 A   B OP1    1 
ATOM   388 O OP2    . A   B 1 4 ? -5.373  0.501   6.995  1.00 0.00 ? 4 A   B OP2    1 
ATOM   389 O "O5'"  . A   B 1 4 ? -6.997  1.935   5.741  1.00 0.00 ? 4 A   B "O5'"  1 
ATOM   390 C "C5'"  . A   B 1 4 ? -8.198  2.666   5.587  1.00 0.00 ? 4 A   B "C5'"  1 
ATOM   391 C "C4'"  . A   B 1 4 ? -8.380  3.070   4.122  1.00 0.00 ? 4 A   B "C4'"  1 
ATOM   392 O "O4'"  . A   B 1 4 ? -7.291  3.865   3.666  1.00 0.00 ? 4 A   B "O4'"  1 
ATOM   393 C "C3'"  . A   B 1 4 ? -8.467  1.883   3.163  1.00 0.00 ? 4 A   B "C3'"  1 
ATOM   394 O "O3'"  . A   B 1 4 ? -9.744  1.266   3.141  1.00 0.00 ? 4 A   B "O3'"  1 
ATOM   395 C "C2'"  . A   B 1 4 ? -8.113  2.582   1.854  1.00 0.00 ? 4 A   B "C2'"  1 
ATOM   396 O "O2'"  . A   B 1 4 ? -9.201  3.327   1.337  1.00 0.00 ? 4 A   B "O2'"  1 
ATOM   397 C "C1'"  . A   B 1 4 ? -7.018  3.545   2.306  1.00 0.00 ? 4 A   B "C1'"  1 
ATOM   398 N N9     . A   B 1 4 ? -5.677  2.923   2.157  1.00 0.00 ? 4 A   B N9     1 
ATOM   399 C C8     . A   B 1 4 ? -5.007  2.069   3.000  1.00 0.00 ? 4 A   B C8     1 
ATOM   400 N N7     . A   B 1 4 ? -3.821  1.717   2.587  1.00 0.00 ? 4 A   B N7     1 
ATOM   401 C C5     . A   B 1 4 ? -3.724  2.325   1.338  1.00 0.00 ? 4 A   B C5     1 
ATOM   402 C C6     . A   B 1 4 ? -2.733  2.333   0.329  1.00 0.00 ? 4 A   B C6     1 
ATOM   403 N N6     . A   B 1 4 ? -1.555  1.717   0.433  1.00 0.00 ? 4 A   B N6     1 
ATOM   404 N N1     . A   B 1 4 ? -2.966  2.993   -0.815 1.00 0.00 ? 4 A   B N1     1 
ATOM   405 C C2     . A   B 1 4 ? -4.126  3.628   -0.964 1.00 0.00 ? 4 A   B C2     1 
ATOM   406 N N3     . A   B 1 4 ? -5.132  3.719   -0.096 1.00 0.00 ? 4 A   B N3     1 
ATOM   407 C C4     . A   B 1 4 ? -4.866  3.034   1.053  1.00 0.00 ? 4 A   B C4     1 
ATOM   408 H "H5'"  . A   B 1 4 ? -8.164  3.565   6.203  1.00 0.00 ? 4 A   B "H5'"  1 
ATOM   409 H "H5''" . A   B 1 4 ? -9.044  2.052   5.899  1.00 0.00 ? 4 A   B "H5''" 1 
ATOM   410 H "H4'"  . A   B 1 4 ? -9.297  3.653   4.028  1.00 0.00 ? 4 A   B "H4'"  1 
ATOM   411 H "H3'"  . A   B 1 4 ? -7.691  1.159   3.413  1.00 0.00 ? 4 A   B "H3'"  1 
ATOM   412 H "H2'"  . A   B 1 4 ? -7.752  1.881   1.108  1.00 0.00 ? 4 A   B "H2'"  1 
ATOM   413 H "HO2'" . A   B 1 4 ? -9.926  2.712   1.191  1.00 0.00 ? 4 A   B "HO2'" 1 
ATOM   414 H "H1'"  . A   B 1 4 ? -7.056  4.447   1.692  1.00 0.00 ? 4 A   B "H1'"  1 
ATOM   415 H H8     . A   B 1 4 ? -5.407  1.737   3.945  1.00 0.00 ? 4 A   B H8     1 
ATOM   416 H H61    . A   B 1 4 ? -0.881  1.834   -0.307 1.00 0.00 ? 4 A   B H61    1 
ATOM   417 H H62    . A   B 1 4 ? -1.325  1.253   1.298  1.00 0.00 ? 4 A   B H62    1 
ATOM   418 H H2     . A   B 1 4 ? -4.265  4.145   -1.902 1.00 0.00 ? 4 A   B H2     1 
HETATM 419 N N1     . P5P B 1 5 ? -3.274  0.440   -3.409 1.00 0.00 ? 5 P5P B N1     1 
HETATM 420 C C2     . P5P B 1 5 ? -4.290  0.976   -4.079 1.00 0.00 ? 5 P5P B C2     1 
HETATM 421 N N3     . P5P B 1 5 ? -5.536  1.176   -3.662 1.00 0.00 ? 5 P5P B N3     1 
HETATM 422 C C4     . P5P B 1 5 ? -5.703  0.755   -2.376 1.00 0.00 ? 5 P5P B C4     1 
HETATM 423 C C5     . P5P B 1 5 ? -4.754  0.187   -1.563 1.00 0.00 ? 5 P5P B C5     1 
HETATM 424 C C6     . P5P B 1 5 ? -3.470  0.041   -2.133 1.00 0.00 ? 5 P5P B C6     1 
HETATM 425 N N7     . P5P B 1 5 ? -5.307  -0.172  -0.338 1.00 0.00 ? 5 P5P B N7     1 
HETATM 426 C C8     . P5P B 1 5 ? -6.561  0.166   -0.460 1.00 0.00 ? 5 P5P B C8     1 
HETATM 427 N N9     . P5P B 1 5 ? -6.870  0.771   -1.655 1.00 0.00 ? 5 P5P B N9     1 
HETATM 428 C "C1'"  . P5P B 1 5 ? -8.174  1.197   -2.211 1.00 0.00 ? 5 P5P B "C1'"  1 
HETATM 429 C "C2'"  . P5P B 1 5 ? -8.766  0.046   -3.020 1.00 0.00 ? 5 P5P B "C2'"  1 
HETATM 430 O "O2'"  . P5P B 1 5 ? -9.512  0.595   -4.096 1.00 0.00 ? 5 P5P B "O2'"  1 
HETATM 431 C "C3'"  . P5P B 1 5 ? -9.626  -0.638  -1.957 1.00 0.00 ? 5 P5P B "C3'"  1 
HETATM 432 O "O3'"  . P5P B 1 5 ? -10.609 -1.501  -2.505 1.00 0.00 ? 5 P5P B "O3'"  1 
HETATM 433 C "C4'"  . P5P B 1 5 ? -10.190 0.594   -1.250 1.00 0.00 ? 5 P5P B "C4'"  1 
HETATM 434 O "O4'"  . P5P B 1 5 ? -9.122  1.534   -1.208 1.00 0.00 ? 5 P5P B "O4'"  1 
HETATM 435 C "C5'"  . P5P B 1 5 ? -10.737 0.331   0.155  1.00 0.00 ? 5 P5P B "C5'"  1 
HETATM 436 O "O5'"  . P5P B 1 5 ? -9.705  -0.104  1.018  1.00 0.00 ? 5 P5P B "O5'"  1 
HETATM 437 P P      . P5P B 1 5 ? -9.937  -0.246  2.606  1.00 0.00 ? 5 P5P B P      1 
HETATM 438 O OP1    . P5P B 1 5 ? -11.345 -0.636  2.840  1.00 0.00 ? 5 P5P B OP1    1 
HETATM 439 O OP2    . P5P B 1 5 ? -8.842  -1.073  3.156  1.00 0.00 ? 5 P5P B OP2    1 
HETATM 440 H H2     . P5P B 1 5 ? -4.076  1.280   -5.093 1.00 0.00 ? 5 P5P B H2     1 
HETATM 441 H H6     . P5P B 1 5 ? -2.664  -0.413  -1.575 1.00 0.00 ? 5 P5P B H6     1 
HETATM 442 H H8     . P5P B 1 5 ? -7.288  -0.020  0.317  1.00 0.00 ? 5 P5P B H8     1 
HETATM 443 H "H1'"  . P5P B 1 5 ? -8.005  2.058   -2.860 1.00 0.00 ? 5 P5P B "H1'"  1 
HETATM 444 H "H2'"  . P5P B 1 5 ? -7.997  -0.625  -3.400 1.00 0.00 ? 5 P5P B "H2'"  1 
HETATM 445 H "HO2'" . P5P B 1 5 ? -8.899  0.885   -4.777 1.00 0.00 ? 5 P5P B "HO2'" 1 
HETATM 446 H "H3'"  . P5P B 1 5 ? -8.985  -1.183  -1.261 1.00 0.00 ? 5 P5P B "H3'"  1 
HETATM 447 H "H4'"  . P5P B 1 5 ? -10.990 1.005   -1.868 1.00 0.00 ? 5 P5P B "H4'"  1 
HETATM 448 H "H5'1" . P5P B 1 5 ? -11.170 1.253   0.543  1.00 0.00 ? 5 P5P B "H5'1" 1 
HETATM 449 H "H5'2" . P5P B 1 5 ? -11.517 -0.431  0.105  1.00 0.00 ? 5 P5P B "H5'2" 1 
ATOM   450 P P      . G   B 1 6 ? -10.270 -3.039  -2.882 1.00 0.00 ? 6 G   B P      1 
ATOM   451 O OP1    . G   B 1 6 ? -11.487 -3.643  -3.470 1.00 0.00 ? 6 G   B OP1    1 
ATOM   452 O OP2    . G   B 1 6 ? -9.639  -3.671  -1.703 1.00 0.00 ? 6 G   B OP2    1 
ATOM   453 O "O5'"  . G   B 1 6 ? -9.147  -2.934  -4.040 1.00 0.00 ? 6 G   B "O5'"  1 
ATOM   454 C "C5'"  . G   B 1 6 ? -9.466  -2.527  -5.358 1.00 0.00 ? 6 G   B "C5'"  1 
ATOM   455 C "C4'"  . G   B 1 6 ? -8.209  -2.453  -6.231 1.00 0.00 ? 6 G   B "C4'"  1 
ATOM   456 O "O4'"  . G   B 1 6 ? -7.202  -1.601  -5.693 1.00 0.00 ? 6 G   B "O4'"  1 
ATOM   457 C "C3'"  . G   B 1 6 ? -7.551  -3.815  -6.433 1.00 0.00 ? 6 G   B "C3'"  1 
ATOM   458 O "O3'"  . G   B 1 6 ? -8.210  -4.582  -7.430 1.00 0.00 ? 6 G   B "O3'"  1 
ATOM   459 C "C2'"  . G   B 1 6 ? -6.149  -3.383  -6.854 1.00 0.00 ? 6 G   B "C2'"  1 
ATOM   460 O "O2'"  . G   B 1 6 ? -6.115  -2.971  -8.208 1.00 0.00 ? 6 G   B "O2'"  1 
ATOM   461 C "C1'"  . G   B 1 6 ? -5.919  -2.163  -5.963 1.00 0.00 ? 6 G   B "C1'"  1 
ATOM   462 N N9     . G   B 1 6 ? -5.225  -2.541  -4.706 1.00 0.00 ? 6 G   B N9     1 
ATOM   463 C C8     . G   B 1 6 ? -5.734  -2.643  -3.435 1.00 0.00 ? 6 G   B C8     1 
ATOM   464 N N7     . G   B 1 6 ? -4.845  -2.916  -2.522 1.00 0.00 ? 6 G   B N7     1 
ATOM   465 C C5     . G   B 1 6 ? -3.652  -3.021  -3.235 1.00 0.00 ? 6 G   B C5     1 
ATOM   466 C C6     . G   B 1 6 ? -2.315  -3.277  -2.782 1.00 0.00 ? 6 G   B C6     1 
ATOM   467 O O6     . G   B 1 6 ? -1.902  -3.392  -1.630 1.00 0.00 ? 6 G   B O6     1 
ATOM   468 N N1     . G   B 1 6 ? -1.409  -3.409  -3.827 1.00 0.00 ? 6 G   B N1     1 
ATOM   469 C C2     . G   B 1 6 ? -1.735  -3.246  -5.152 1.00 0.00 ? 6 G   B C2     1 
ATOM   470 N N2     . G   B 1 6 ? -0.762  -3.451  -6.032 1.00 0.00 ? 6 G   B N2     1 
ATOM   471 N N3     . G   B 1 6 ? -2.965  -2.930  -5.587 1.00 0.00 ? 6 G   B N3     1 
ATOM   472 C C4     . G   B 1 6 ? -3.885  -2.840  -4.581 1.00 0.00 ? 6 G   B C4     1 
ATOM   473 H "H5'"  . G   B 1 6 ? -9.944  -1.548  -5.337 1.00 0.00 ? 6 G   B "H5'"  1 
ATOM   474 H "H5''" . G   B 1 6 ? -10.163 -3.240  -5.801 1.00 0.00 ? 6 G   B "H5''" 1 
ATOM   475 H "H4'"  . G   B 1 6 ? -8.491  -2.065  -7.211 1.00 0.00 ? 6 G   B "H4'"  1 
ATOM   476 H "H3'"  . G   B 1 6 ? -7.505  -4.344  -5.480 1.00 0.00 ? 6 G   B "H3'"  1 
ATOM   477 H "H2'"  . G   B 1 6 ? -5.413  -4.165  -6.677 1.00 0.00 ? 6 G   B "H2'"  1 
ATOM   478 H "HO2'" . G   B 1 6 ? -6.649  -3.590  -8.715 1.00 0.00 ? 6 G   B "HO2'" 1 
ATOM   479 H "H1'"  . G   B 1 6 ? -5.297  -1.441  -6.495 1.00 0.00 ? 6 G   B "H1'"  1 
ATOM   480 H H8     . G   B 1 6 ? -6.777  -2.492  -3.202 1.00 0.00 ? 6 G   B H8     1 
ATOM   481 H H1     . G   B 1 6 ? -0.459  -3.646  -3.578 1.00 0.00 ? 6 G   B H1     1 
ATOM   482 H H21    . G   B 1 6 ? 0.164   -3.731  -5.720 1.00 0.00 ? 6 G   B H21    1 
ATOM   483 H H22    . G   B 1 6 ? -0.966  -3.312  -7.007 1.00 0.00 ? 6 G   B H22    1 
ATOM   484 P P      . C   B 1 7 ? -8.205  -6.197  -7.405 1.00 0.00 ? 7 C   B P      1 
ATOM   485 O OP1    . C   B 1 7 ? -8.978  -6.679  -8.571 1.00 0.00 ? 7 C   B OP1    1 
ATOM   486 O OP2    . C   B 1 7 ? -8.574  -6.640  -6.042 1.00 0.00 ? 7 C   B OP2    1 
ATOM   487 O "O5'"  . C   B 1 7 ? -6.650  -6.547  -7.638 1.00 0.00 ? 7 C   B "O5'"  1 
ATOM   488 C "C5'"  . C   B 1 7 ? -6.033  -6.439  -8.908 1.00 0.00 ? 7 C   B "C5'"  1 
ATOM   489 C "C4'"  . C   B 1 7 ? -4.534  -6.736  -8.799 1.00 0.00 ? 7 C   B "C4'"  1 
ATOM   490 O "O4'"  . C   B 1 7 ? -3.869  -5.819  -7.941 1.00 0.00 ? 7 C   B "O4'"  1 
ATOM   491 C "C3'"  . C   B 1 7 ? -4.237  -8.122  -8.232 1.00 0.00 ? 7 C   B "C3'"  1 
ATOM   492 O "O3'"  . C   B 1 7 ? -4.436  -9.158  -9.181 1.00 0.00 ? 7 C   B "O3'"  1 
ATOM   493 C "C2'"  . C   B 1 7 ? -2.785  -7.929  -7.798 1.00 0.00 ? 7 C   B "C2'"  1 
ATOM   494 O "O2'"  . C   B 1 7 ? -1.864  -7.980  -8.874 1.00 0.00 ? 7 C   B "O2'"  1 
ATOM   495 C "C1'"  . C   B 1 7 ? -2.822  -6.497  -7.255 1.00 0.00 ? 7 C   B "C1'"  1 
ATOM   496 N N1     . C   B 1 7 ? -3.001  -6.496  -5.771 1.00 0.00 ? 7 C   B N1     1 
ATOM   497 C C2     . C   B 1 7 ? -1.868  -6.708  -4.977 1.00 0.00 ? 7 C   B C2     1 
ATOM   498 O O2     . C   B 1 7 ? -0.771  -6.941  -5.482 1.00 0.00 ? 7 C   B O2     1 
ATOM   499 N N3     . C   B 1 7 ? -1.985  -6.664  -3.622 1.00 0.00 ? 7 C   B N3     1 
ATOM   500 C C4     . C   B 1 7 ? -3.170  -6.441  -3.051 1.00 0.00 ? 7 C   B C4     1 
ATOM   501 N N4     . C   B 1 7 ? -3.214  -6.367  -1.728 1.00 0.00 ? 7 C   B N4     1 
ATOM   502 C C5     . C   B 1 7 ? -4.360  -6.271  -3.829 1.00 0.00 ? 7 C   B C5     1 
ATOM   503 C C6     . C   B 1 7 ? -4.231  -6.311  -5.178 1.00 0.00 ? 7 C   B C6     1 
ATOM   504 H "H5'"  . C   B 1 7 ? -6.167  -5.432  -9.303 1.00 0.00 ? 7 C   B "H5'"  1 
ATOM   505 H "H5''" . C   B 1 7 ? -6.488  -7.152  -9.597 1.00 0.00 ? 7 C   B "H5''" 1 
ATOM   506 H "H4'"  . C   B 1 7 ? -4.085  -6.669  -9.792 1.00 0.00 ? 7 C   B "H4'"  1 
ATOM   507 H "H3'"  . C   B 1 7 ? -4.855  -8.286  -7.348 1.00 0.00 ? 7 C   B "H3'"  1 
ATOM   508 H "H2'"  . C   B 1 7 ? -2.503  -8.647  -7.032 1.00 0.00 ? 7 C   B "H2'"  1 
ATOM   509 H "HO2'" . C   B 1 7 ? -0.973  -8.021  -8.513 1.00 0.00 ? 7 C   B "HO2'" 1 
ATOM   510 H "H1'"  . C   B 1 7 ? -1.876  -6.003  -7.485 1.00 0.00 ? 7 C   B "H1'"  1 
ATOM   511 H H41    . C   B 1 7 ? -2.347  -6.486  -1.214 1.00 0.00 ? 7 C   B H41    1 
ATOM   512 H H42    . C   B 1 7 ? -4.070  -6.129  -1.258 1.00 0.00 ? 7 C   B H42    1 
ATOM   513 H H5     . C   B 1 7 ? -5.331  -6.103  -3.387 1.00 0.00 ? 7 C   B H5     1 
ATOM   514 H H6     . C   B 1 7 ? -5.109  -6.181  -5.789 1.00 0.00 ? 7 C   B H6     1 
ATOM   515 P P      . C   B 1 8 ? -4.707  -10.686 -8.731 1.00 0.00 ? 8 C   B P      1 
ATOM   516 O OP1    . C   B 1 8 ? -4.910  -11.497 -9.952 1.00 0.00 ? 8 C   B OP1    1 
ATOM   517 O OP2    . C   B 1 8 ? -5.744  -10.680 -7.675 1.00 0.00 ? 8 C   B OP2    1 
ATOM   518 O "O5'"  . C   B 1 8 ? -3.314  -11.130 -8.051 1.00 0.00 ? 8 C   B "O5'"  1 
ATOM   519 C "C5'"  . C   B 1 8 ? -2.154  -11.382 -8.821 1.00 0.00 ? 8 C   B "C5'"  1 
ATOM   520 C "C4'"  . C   B 1 8 ? -0.952  -11.655 -7.911 1.00 0.00 ? 8 C   B "C4'"  1 
ATOM   521 O "O4'"  . C   B 1 8 ? -0.673  -10.559 -7.046 1.00 0.00 ? 8 C   B "O4'"  1 
ATOM   522 C "C3'"  . C   B 1 8 ? -1.146  -12.867 -7.000 1.00 0.00 ? 8 C   B "C3'"  1 
ATOM   523 O "O3'"  . C   B 1 8 ? -0.913  -14.110 -7.643 1.00 0.00 ? 8 C   B "O3'"  1 
ATOM   524 C "C2'"  . C   B 1 8 ? -0.089  -12.575 -5.943 1.00 0.00 ? 8 C   B "C2'"  1 
ATOM   525 O "O2'"  . C   B 1 8 ? 1.212   -12.899 -6.402 1.00 0.00 ? 8 C   B "O2'"  1 
ATOM   526 C "C1'"  . C   B 1 8 ? -0.192  -11.057 -5.801 1.00 0.00 ? 8 C   B "C1'"  1 
ATOM   527 N N1     . C   B 1 8 ? -1.066  -10.695 -4.645 1.00 0.00 ? 8 C   B N1     1 
ATOM   528 C C2     . C   B 1 8 ? -0.513  -10.775 -3.361 1.00 0.00 ? 8 C   B C2     1 
ATOM   529 O O2     . C   B 1 8 ? 0.616   -11.222 -3.172 1.00 0.00 ? 8 C   B O2     1 
ATOM   530 N N3     . C   B 1 8 ? -1.248  -10.365 -2.294 1.00 0.00 ? 8 C   B N3     1 
ATOM   531 C C4     . C   B 1 8 ? -2.494  -9.924  -2.459 1.00 0.00 ? 8 C   B C4     1 
ATOM   532 N N4     . C   B 1 8 ? -3.151  -9.544  -1.373 1.00 0.00 ? 8 C   B N4     1 
ATOM   533 C C5     . C   B 1 8 ? -3.126  -9.912  -3.744 1.00 0.00 ? 8 C   B C5     1 
ATOM   534 C C6     . C   B 1 8 ? -2.379  -10.313 -4.804 1.00 0.00 ? 8 C   B C6     1 
ATOM   535 H "H5'"  . C   B 1 8 ? -1.934  -10.519 -9.450 1.00 0.00 ? 8 C   B "H5'"  1 
ATOM   536 H "H5''" . C   B 1 8 ? -2.321  -12.249 -9.461 1.00 0.00 ? 8 C   B "H5''" 1 
ATOM   537 H "H4'"  . C   B 1 8 ? -0.075  -11.830 -8.535 1.00 0.00 ? 8 C   B "H4'"  1 
ATOM   538 H "H3'"  . C   B 1 8 ? -2.138  -12.831 -6.547 1.00 0.00 ? 8 C   B "H3'"  1 
ATOM   539 H "H2'"  . C   B 1 8 ? -0.303  -13.091 -5.010 1.00 0.00 ? 8 C   B "H2'"  1 
ATOM   540 H "HO2'" . C   B 1 8 ? 1.149   -13.719 -6.902 1.00 0.00 ? 8 C   B "HO2'" 1 
ATOM   541 H "H1'"  . C   B 1 8 ? 0.807   -10.657 -5.617 1.00 0.00 ? 8 C   B "H1'"  1 
ATOM   542 H H41    . C   B 1 8 ? -2.659  -9.589  -0.486 1.00 0.00 ? 8 C   B H41    1 
ATOM   543 H H42    . C   B 1 8 ? -4.106  -9.236  -1.431 1.00 0.00 ? 8 C   B H42    1 
ATOM   544 H H5     . C   B 1 8 ? -4.150  -9.604  -3.892 1.00 0.00 ? 8 C   B H5     1 
ATOM   545 H H6     . C   B 1 8 ? -2.830  -10.327 -5.783 1.00 0.00 ? 8 C   B H6     1 
ATOM   546 P P      . U   B 1 9 ? -1.621  -15.469 -7.130 1.00 0.00 ? 9 U   B P      1 
ATOM   547 O OP1    . U   B 1 9 ? -1.069  -16.598 -7.911 1.00 0.00 ? 9 U   B OP1    1 
ATOM   548 O OP2    . U   B 1 9 ? -3.082  -15.240 -7.104 1.00 0.00 ? 9 U   B OP2    1 
ATOM   549 O "O5'"  . U   B 1 9 ? -1.117  -15.608 -5.600 1.00 0.00 ? 9 U   B "O5'"  1 
ATOM   550 C "C5'"  . U   B 1 9 ? 0.180   -16.069 -5.265 1.00 0.00 ? 9 U   B "C5'"  1 
ATOM   551 C "C4'"  . U   B 1 9 ? 0.395   -16.045 -3.745 1.00 0.00 ? 9 U   B "C4'"  1 
ATOM   552 O "O4'"  . U   B 1 9 ? 0.304   -14.732 -3.202 1.00 0.00 ? 9 U   B "O4'"  1 
ATOM   553 C "C3'"  . U   B 1 9 ? -0.619  -16.889 -2.971 1.00 0.00 ? 9 U   B "C3'"  1 
ATOM   554 O "O3'"  . U   B 1 9 ? -0.323  -18.275 -2.982 1.00 0.00 ? 9 U   B "O3'"  1 
ATOM   555 C "C2'"  . U   B 1 9 ? -0.491  -16.279 -1.578 1.00 0.00 ? 9 U   B "C2'"  1 
ATOM   556 O "O2'"  . U   B 1 9 ? 0.645   -16.780 -0.895 1.00 0.00 ? 9 U   B "O2'"  1 
ATOM   557 C "C1'"  . U   B 1 9 ? -0.265  -14.797 -1.896 1.00 0.00 ? 9 U   B "C1'"  1 
ATOM   558 N N1     . U   B 1 9 ? -1.542  -14.029 -1.790 1.00 0.00 ? 9 U   B N1     1 
ATOM   559 C C2     . U   B 1 9 ? -1.929  -13.586 -0.520 1.00 0.00 ? 9 U   B C2     1 
ATOM   560 O O2     . U   B 1 9 ? -1.263  -13.782 0.494  1.00 0.00 ? 9 U   B O2     1 
ATOM   561 N N3     . U   B 1 9 ? -3.141  -12.917 -0.432 1.00 0.00 ? 9 U   B N3     1 
ATOM   562 C C4     . U   B 1 9 ? -4.025  -12.704 -1.478 1.00 0.00 ? 9 U   B C4     1 
ATOM   563 O O4     . U   B 1 9 ? -5.089  -12.129 -1.281 1.00 0.00 ? 9 U   B O4     1 
ATOM   564 C C5     . U   B 1 9 ? -3.565  -13.210 -2.756 1.00 0.00 ? 9 U   B C5     1 
ATOM   565 C C6     . U   B 1 9 ? -2.369  -13.840 -2.878 1.00 0.00 ? 9 U   B C6     1 
ATOM   566 H "H5'"  . U   B 1 9 ? 0.933   -15.441 -5.738 1.00 0.00 ? 9 U   B "H5'"  1 
ATOM   567 H "H5''" . U   B 1 9 ? 0.304   -17.093 -5.621 1.00 0.00 ? 9 U   B "H5''" 1 
ATOM   568 H "H4'"  . U   B 1 9 ? 1.393   -16.428 -3.529 1.00 0.00 ? 9 U   B "H4'"  1 
ATOM   569 H "H3'"  . U   B 1 9 ? -1.625  -16.710 -3.355 1.00 0.00 ? 9 U   B "H3'"  1 
ATOM   570 H "HO3'" . U   B 1 9 ? -1.079  -18.755 -2.636 1.00 0.00 ? 9 U   B "HO3'" 1 
ATOM   571 H "H2'"  . U   B 1 9 ? -1.392  -16.443 -0.985 1.00 0.00 ? 9 U   B "H2'"  1 
ATOM   572 H "HO2'" . U   B 1 9 ? 0.746   -17.707 -1.135 1.00 0.00 ? 9 U   B "HO2'" 1 
ATOM   573 H "H1'"  . U   B 1 9 ? 0.448   -14.389 -1.177 1.00 0.00 ? 9 U   B "H1'"  1 
ATOM   574 H H3     . U   B 1 9 ? -3.405  -12.555 0.471  1.00 0.00 ? 9 U   B H3     1 
ATOM   575 H H5     . U   B 1 9 ? -4.195  -13.075 -3.622 1.00 0.00 ? 9 U   B H5     1 
ATOM   576 H H6     . U   B 1 9 ? -2.069  -14.201 -3.850 1.00 0.00 ? 9 U   B H6     1 
# 
